data_8FT7
#
_entry.id   8FT7
#
_cell.length_a   80.586
_cell.length_b   147.886
_cell.length_c   152.054
_cell.angle_alpha   90.00
_cell.angle_beta   90.00
_cell.angle_gamma   90.00
#
_symmetry.space_group_name_H-M   'I 21 21 21'
#
loop_
_entity.id
_entity.type
_entity.pdbx_description
1 polymer 'PUA domain-containing protein'
2 non-polymer S-ADENOSYL-L-HOMOCYSTEINE
3 water water
#
_entity_poly.entity_id   1
_entity_poly.type   'polypeptide(L)'
_entity_poly.pdbx_seq_one_letter_code
;MAHHHHHHMGTLEAQTQGPGSLAEKMSQQQTQPQDKTSKDYYFDSYSHFGIHEEMLKDGIRTNAYKNAILQNKHLFKDKV
VLDIGCGTGILCLFAAKAGAKRVIGIDMSDIIDKARQIVSDNGYSHVIELIKGKVEDIAQLPFGIEKVDIIISEWMGYFL
LYESMLQTVLSARDRWLRPGGYLFPDKCTMYICGIEDSEYKRDKIDFWDNVYGFNFSAIKADALREPLVDFVESQQIITT
QSKFLEIDLNTIQPEDLKQITTSFEFTSQYQEYCQAFVAWFDCVFSRGPHKPVEFSTGPFTEGTHWKQTVFYLENDLPLK
PNDVIKGTITISQNKSNHRDLDISMKYTVNGGAVISQDYIMR
;
_entity_poly.pdbx_strand_id   A,B
#
# COMPACT_ATOMS: atom_id res chain seq x y z
N PHE A 49 -22.37 -11.61 4.87
CA PHE A 49 -21.12 -11.95 5.55
C PHE A 49 -19.94 -11.42 4.74
N GLY A 50 -19.00 -12.29 4.36
CA GLY A 50 -17.79 -11.87 3.68
C GLY A 50 -17.99 -11.24 2.31
N ILE A 51 -19.24 -11.15 1.84
CA ILE A 51 -19.48 -10.53 0.54
C ILE A 51 -19.03 -9.08 0.55
N HIS A 52 -19.11 -8.41 1.69
CA HIS A 52 -18.71 -7.01 1.73
C HIS A 52 -17.20 -6.87 1.80
N GLU A 53 -16.52 -7.78 2.48
CA GLU A 53 -15.07 -7.78 2.41
C GLU A 53 -14.61 -7.77 0.95
N GLU A 54 -15.29 -8.54 0.11
CA GLU A 54 -14.83 -8.72 -1.27
C GLU A 54 -14.85 -7.40 -2.04
N MET A 55 -15.95 -6.66 -1.93
CA MET A 55 -16.08 -5.41 -2.69
C MET A 55 -15.13 -4.34 -2.17
N LEU A 56 -15.04 -4.19 -0.84
CA LEU A 56 -14.10 -3.22 -0.29
C LEU A 56 -12.68 -3.52 -0.73
N LYS A 57 -12.29 -4.80 -0.69
CA LYS A 57 -10.96 -5.18 -1.14
C LYS A 57 -10.78 -5.04 -2.64
N ASP A 58 -11.89 -4.93 -3.40
CA ASP A 58 -11.79 -4.67 -4.83
C ASP A 58 -11.36 -3.23 -5.04
N GLY A 59 -10.05 -3.03 -5.17
CA GLY A 59 -9.50 -1.68 -5.21
C GLY A 59 -9.90 -0.93 -6.46
N ILE A 60 -9.86 -1.59 -7.62
CA ILE A 60 -10.25 -0.91 -8.85
C ILE A 60 -11.65 -0.31 -8.70
N ARG A 61 -12.57 -1.07 -8.13
CA ARG A 61 -13.96 -0.62 -8.04
C ARG A 61 -14.12 0.48 -7.00
N THR A 62 -13.54 0.28 -5.81
CA THR A 62 -13.77 1.19 -4.71
C THR A 62 -13.09 2.52 -4.96
N ASN A 63 -11.87 2.51 -5.52
CA ASN A 63 -11.20 3.77 -5.86
C ASN A 63 -11.94 4.52 -6.94
N ALA A 64 -12.50 3.81 -7.92
CA ALA A 64 -13.30 4.50 -8.92
C ALA A 64 -14.43 5.26 -8.24
N TYR A 65 -15.17 4.59 -7.34
CA TYR A 65 -16.23 5.31 -6.61
C TYR A 65 -15.64 6.44 -5.76
N LYS A 66 -14.56 6.17 -5.03
CA LYS A 66 -13.96 7.19 -4.17
C LYS A 66 -13.58 8.43 -4.98
N ASN A 67 -12.91 8.23 -6.13
CA ASN A 67 -12.50 9.36 -6.95
C ASN A 67 -13.72 10.09 -7.52
N ALA A 68 -14.71 9.36 -8.02
CA ALA A 68 -15.87 10.06 -8.58
C ALA A 68 -16.55 10.92 -7.53
N ILE A 69 -16.54 10.50 -6.26
CA ILE A 69 -17.30 11.21 -5.22
C ILE A 69 -16.43 12.31 -4.61
N LEU A 70 -15.28 11.91 -4.05
CA LEU A 70 -14.43 12.82 -3.28
C LEU A 70 -13.78 13.90 -4.15
N GLN A 71 -13.48 13.61 -5.41
CA GLN A 71 -12.98 14.65 -6.31
C GLN A 71 -14.05 15.62 -6.75
N ASN A 72 -15.30 15.41 -6.41
CA ASN A 72 -16.35 16.30 -6.85
C ASN A 72 -17.11 16.86 -5.67
N LYS A 73 -16.40 17.40 -4.68
CA LYS A 73 -17.07 18.00 -3.53
C LYS A 73 -18.05 19.08 -3.98
N HIS A 74 -17.70 19.84 -5.04
CA HIS A 74 -18.59 20.88 -5.51
C HIS A 74 -19.96 20.31 -5.86
N LEU A 75 -20.00 19.15 -6.51
CA LEU A 75 -21.27 18.56 -6.87
C LEU A 75 -22.02 18.00 -5.66
N PHE A 76 -21.31 17.51 -4.63
CA PHE A 76 -21.96 16.86 -3.49
C PHE A 76 -22.36 17.83 -2.37
N LYS A 77 -21.67 18.96 -2.25
CA LYS A 77 -21.88 19.91 -1.16
C LYS A 77 -23.35 20.26 -1.02
N ASP A 78 -23.90 20.03 0.18
CA ASP A 78 -25.26 20.40 0.58
C ASP A 78 -26.36 19.68 -0.20
N LYS A 79 -26.06 18.59 -0.90
CA LYS A 79 -27.08 17.87 -1.65
C LYS A 79 -27.64 16.69 -0.86
N VAL A 80 -28.72 16.11 -1.41
CA VAL A 80 -29.36 14.92 -0.85
C VAL A 80 -28.97 13.75 -1.74
N VAL A 81 -28.33 12.73 -1.14
CA VAL A 81 -27.79 11.58 -1.84
C VAL A 81 -28.48 10.30 -1.37
N LEU A 82 -28.87 9.48 -2.31
CA LEU A 82 -29.43 8.16 -2.04
C LEU A 82 -28.44 7.09 -2.52
N ASP A 83 -28.05 6.20 -1.60
CA ASP A 83 -27.15 5.07 -1.86
C ASP A 83 -28.00 3.80 -1.87
N ILE A 84 -28.12 3.19 -3.03
CA ILE A 84 -28.92 1.98 -3.21
C ILE A 84 -28.03 0.76 -2.96
N GLY A 85 -28.34 -0.03 -1.94
CA GLY A 85 -27.50 -1.18 -1.61
C GLY A 85 -26.21 -0.76 -0.94
N CYS A 86 -26.35 -0.05 0.19
CA CYS A 86 -25.22 0.62 0.85
C CYS A 86 -24.28 -0.35 1.58
N GLY A 87 -24.73 -1.55 1.93
CA GLY A 87 -23.85 -2.51 2.60
C GLY A 87 -23.25 -1.97 3.88
N THR A 88 -21.91 -2.06 3.98
CA THR A 88 -21.17 -1.52 5.11
C THR A 88 -21.22 0.01 5.19
N GLY A 89 -21.60 0.70 4.11
CA GLY A 89 -21.74 2.14 4.12
C GLY A 89 -20.57 2.94 3.58
N ILE A 90 -19.62 2.30 2.90
CA ILE A 90 -18.42 3.03 2.48
C ILE A 90 -18.77 4.15 1.50
N LEU A 91 -19.71 3.90 0.58
CA LEU A 91 -20.11 4.92 -0.40
C LEU A 91 -20.84 6.06 0.27
N CYS A 92 -21.67 5.73 1.26
CA CYS A 92 -22.33 6.76 2.06
C CYS A 92 -21.30 7.61 2.77
N LEU A 93 -20.29 6.96 3.34
CA LEU A 93 -19.23 7.69 4.01
C LEU A 93 -18.53 8.65 3.06
N PHE A 94 -18.23 8.19 1.83
CA PHE A 94 -17.60 9.05 0.83
C PHE A 94 -18.46 10.26 0.55
N ALA A 95 -19.77 10.04 0.33
CA ALA A 95 -20.67 11.12 -0.02
C ALA A 95 -20.79 12.10 1.14
N ALA A 96 -20.80 11.61 2.38
CA ALA A 96 -20.85 12.52 3.53
C ALA A 96 -19.58 13.35 3.60
N LYS A 97 -18.43 12.71 3.41
CA LYS A 97 -17.17 13.41 3.50
C LYS A 97 -17.07 14.44 2.39
N ALA A 98 -17.73 14.19 1.28
CA ALA A 98 -17.74 15.11 0.16
C ALA A 98 -18.68 16.29 0.37
N GLY A 99 -19.41 16.33 1.47
CA GLY A 99 -20.19 17.50 1.83
C GLY A 99 -21.68 17.37 1.73
N ALA A 100 -22.21 16.20 1.38
CA ALA A 100 -23.65 16.06 1.27
C ALA A 100 -24.34 16.48 2.57
N LYS A 101 -25.51 17.11 2.40
CA LYS A 101 -26.37 17.46 3.52
C LYS A 101 -26.99 16.21 4.13
N ARG A 102 -27.44 15.30 3.29
CA ARG A 102 -28.16 14.11 3.72
C ARG A 102 -27.75 12.96 2.83
N VAL A 103 -27.41 11.83 3.43
CA VAL A 103 -27.16 10.60 2.69
C VAL A 103 -28.09 9.54 3.25
N ILE A 104 -28.94 9.01 2.39
CA ILE A 104 -29.86 7.95 2.75
C ILE A 104 -29.38 6.66 2.09
N GLY A 105 -29.05 5.68 2.90
CA GLY A 105 -28.63 4.37 2.40
C GLY A 105 -29.75 3.36 2.61
N ILE A 106 -30.00 2.57 1.59
CA ILE A 106 -30.96 1.49 1.68
C ILE A 106 -30.23 0.18 1.50
N ASP A 107 -30.55 -0.80 2.35
CA ASP A 107 -30.06 -2.15 2.14
C ASP A 107 -31.02 -3.12 2.82
N MET A 108 -31.41 -4.17 2.09
CA MET A 108 -32.31 -5.21 2.60
C MET A 108 -31.60 -6.16 3.57
N SER A 109 -30.29 -6.06 3.72
CA SER A 109 -29.48 -6.92 4.55
C SER A 109 -29.46 -6.45 6.00
N ASP A 110 -29.24 -7.40 6.92
CA ASP A 110 -28.99 -7.13 8.33
C ASP A 110 -27.63 -6.48 8.58
N ILE A 111 -26.77 -6.41 7.55
CA ILE A 111 -25.57 -5.58 7.63
C ILE A 111 -25.89 -4.17 8.13
N ILE A 112 -27.11 -3.68 7.89
CA ILE A 112 -27.48 -2.31 8.25
C ILE A 112 -27.17 -2.01 9.71
N ASP A 113 -27.47 -2.96 10.61
CA ASP A 113 -27.27 -2.67 12.03
C ASP A 113 -25.81 -2.31 12.31
N LYS A 114 -24.87 -2.96 11.64
CA LYS A 114 -23.47 -2.65 11.94
C LYS A 114 -23.02 -1.45 11.12
N ALA A 115 -23.62 -1.25 9.95
CA ALA A 115 -23.34 -0.06 9.17
C ALA A 115 -23.69 1.20 9.94
N ARG A 116 -24.79 1.18 10.72
CA ARG A 116 -25.12 2.33 11.54
C ARG A 116 -24.04 2.60 12.58
N GLN A 117 -23.48 1.54 13.17
CA GLN A 117 -22.41 1.76 14.13
C GLN A 117 -21.19 2.36 13.44
N ILE A 118 -20.86 1.88 12.25
CA ILE A 118 -19.73 2.47 11.53
C ILE A 118 -20.00 3.95 11.24
N VAL A 119 -21.22 4.28 10.82
CA VAL A 119 -21.53 5.70 10.57
C VAL A 119 -21.30 6.52 11.83
N SER A 120 -21.75 6.00 12.97
CA SER A 120 -21.60 6.74 14.22
C SER A 120 -20.14 6.84 14.62
N ASP A 121 -19.36 5.75 14.48
CA ASP A 121 -17.95 5.78 14.85
C ASP A 121 -17.16 6.80 14.01
N ASN A 122 -17.62 7.10 12.81
CA ASN A 122 -16.96 8.10 11.98
C ASN A 122 -17.64 9.47 12.01
N GLY A 123 -18.55 9.71 12.98
CA GLY A 123 -19.05 11.05 13.20
C GLY A 123 -20.14 11.53 12.26
N TYR A 124 -20.84 10.65 11.56
CA TYR A 124 -21.78 11.06 10.51
C TYR A 124 -23.23 10.68 10.82
N SER A 125 -23.55 10.40 12.08
CA SER A 125 -24.91 9.96 12.41
C SER A 125 -25.97 11.04 12.13
N HIS A 126 -25.57 12.30 12.06
CA HIS A 126 -26.53 13.35 11.69
C HIS A 126 -26.68 13.52 10.19
N VAL A 127 -25.79 12.95 9.38
CA VAL A 127 -25.85 13.10 7.93
C VAL A 127 -26.36 11.83 7.27
N ILE A 128 -25.89 10.67 7.72
CA ILE A 128 -26.20 9.41 7.05
C ILE A 128 -27.33 8.75 7.80
N GLU A 129 -28.43 8.47 7.10
CA GLU A 129 -29.52 7.69 7.62
C GLU A 129 -29.62 6.42 6.79
N LEU A 130 -29.70 5.28 7.45
CA LEU A 130 -29.76 3.99 6.79
C LEU A 130 -31.10 3.33 7.04
N ILE A 131 -31.62 2.67 6.02
CA ILE A 131 -32.93 2.05 6.07
C ILE A 131 -32.74 0.59 5.72
N LYS A 132 -33.17 -0.29 6.63
CA LYS A 132 -33.25 -1.72 6.35
C LYS A 132 -34.54 -1.98 5.59
N GLY A 133 -34.42 -2.50 4.38
CA GLY A 133 -35.59 -2.71 3.56
C GLY A 133 -35.24 -2.87 2.10
N LYS A 134 -36.16 -3.48 1.38
CA LYS A 134 -36.10 -3.44 -0.06
C LYS A 134 -36.62 -2.10 -0.53
N VAL A 135 -35.96 -1.54 -1.55
CA VAL A 135 -36.36 -0.26 -2.12
C VAL A 135 -37.84 -0.27 -2.53
N GLU A 136 -38.33 -1.43 -2.96
CA GLU A 136 -39.70 -1.53 -3.45
C GLU A 136 -40.73 -1.40 -2.32
N ASP A 137 -40.30 -1.53 -1.06
CA ASP A 137 -41.20 -1.49 0.09
C ASP A 137 -40.95 -0.28 0.98
N ILE A 138 -40.47 0.82 0.41
CA ILE A 138 -40.25 2.06 1.13
C ILE A 138 -41.39 3.01 0.80
N ALA A 139 -42.15 3.39 1.82
CA ALA A 139 -43.23 4.37 1.65
C ALA A 139 -42.66 5.72 1.27
N GLN A 140 -42.12 6.42 2.26
CA GLN A 140 -41.51 7.72 2.07
C GLN A 140 -40.06 7.66 2.49
N LEU A 141 -39.26 8.52 1.90
CA LEU A 141 -37.93 8.69 2.43
C LEU A 141 -37.98 9.52 3.71
N PRO A 142 -37.05 9.31 4.63
CA PRO A 142 -37.10 10.01 5.91
C PRO A 142 -36.97 11.52 5.75
N PHE A 143 -37.16 12.20 6.87
CA PHE A 143 -37.00 13.66 6.96
C PHE A 143 -37.87 14.38 5.94
N GLY A 144 -38.96 13.73 5.52
CA GLY A 144 -39.84 14.32 4.52
C GLY A 144 -39.18 14.52 3.18
N ILE A 145 -38.07 13.84 2.92
CA ILE A 145 -37.42 13.98 1.62
C ILE A 145 -38.31 13.35 0.56
N GLU A 146 -38.52 14.08 -0.53
CA GLU A 146 -39.32 13.60 -1.64
C GLU A 146 -38.52 13.43 -2.92
N LYS A 147 -37.46 14.21 -3.13
CA LYS A 147 -36.60 14.09 -4.28
C LYS A 147 -35.16 14.08 -3.79
N VAL A 148 -34.28 13.49 -4.59
CA VAL A 148 -32.88 13.45 -4.27
C VAL A 148 -32.09 13.91 -5.49
N ASP A 149 -30.93 14.48 -5.23
CA ASP A 149 -30.06 15.02 -6.26
C ASP A 149 -29.15 13.98 -6.91
N ILE A 150 -28.72 12.95 -6.18
CA ILE A 150 -27.74 12.00 -6.69
C ILE A 150 -28.13 10.62 -6.20
N ILE A 151 -28.11 9.64 -7.11
CA ILE A 151 -28.21 8.24 -6.74
C ILE A 151 -26.85 7.59 -7.00
N ILE A 152 -26.27 7.04 -5.94
CA ILE A 152 -25.12 6.14 -6.01
C ILE A 152 -25.62 4.70 -5.95
N SER A 153 -25.07 3.83 -6.82
CA SER A 153 -25.34 2.41 -6.68
C SER A 153 -24.22 1.59 -7.25
N GLU A 154 -24.06 0.38 -6.71
CA GLU A 154 -23.15 -0.64 -7.22
C GLU A 154 -24.03 -1.78 -7.72
N TRP A 155 -24.65 -1.57 -8.86
CA TRP A 155 -25.66 -2.50 -9.34
C TRP A 155 -25.12 -3.61 -10.22
N MET A 156 -23.91 -3.43 -10.78
CA MET A 156 -23.40 -4.30 -11.82
C MET A 156 -23.21 -5.73 -11.32
N GLY A 157 -23.75 -6.70 -12.05
CA GLY A 157 -23.53 -8.10 -11.73
C GLY A 157 -22.44 -8.71 -12.60
N TYR A 158 -22.25 -10.01 -12.41
CA TYR A 158 -21.43 -10.78 -13.35
C TYR A 158 -22.01 -10.64 -14.75
N PHE A 159 -21.14 -10.58 -15.74
CA PHE A 159 -21.60 -10.35 -17.12
C PHE A 159 -22.51 -9.12 -17.17
N LEU A 160 -22.22 -8.13 -16.31
CA LEU A 160 -23.00 -6.92 -16.09
C LEU A 160 -24.42 -7.15 -15.61
N LEU A 161 -25.15 -8.07 -16.25
CA LEU A 161 -26.58 -8.20 -16.00
C LEU A 161 -26.97 -9.38 -15.11
N TYR A 162 -26.05 -10.29 -14.80
CA TYR A 162 -26.45 -11.47 -14.02
C TYR A 162 -26.69 -11.09 -12.56
N GLU A 163 -27.91 -11.31 -12.07
CA GLU A 163 -28.29 -10.98 -10.69
C GLU A 163 -27.83 -9.57 -10.31
N SER A 164 -28.21 -8.61 -11.16
CA SER A 164 -27.92 -7.21 -10.93
C SER A 164 -29.12 -6.51 -10.30
N MET A 165 -28.85 -5.40 -9.62
CA MET A 165 -29.86 -4.53 -9.04
C MET A 165 -30.33 -3.45 -10.01
N LEU A 166 -30.07 -3.62 -11.31
CA LEU A 166 -30.40 -2.58 -12.28
C LEU A 166 -31.85 -2.16 -12.16
N GLN A 167 -32.77 -3.14 -12.09
CA GLN A 167 -34.19 -2.79 -12.02
C GLN A 167 -34.50 -1.98 -10.78
N THR A 168 -33.86 -2.33 -9.66
CA THR A 168 -34.10 -1.59 -8.43
C THR A 168 -33.63 -0.15 -8.56
N VAL A 169 -32.49 0.05 -9.22
CA VAL A 169 -31.97 1.40 -9.38
C VAL A 169 -32.88 2.21 -10.30
N LEU A 170 -33.38 1.60 -11.37
CA LEU A 170 -34.24 2.36 -12.28
C LEU A 170 -35.51 2.79 -11.58
N SER A 171 -36.03 1.96 -10.67
CA SER A 171 -37.24 2.34 -9.95
C SER A 171 -36.96 3.47 -8.99
N ALA A 172 -35.86 3.36 -8.23
CA ALA A 172 -35.44 4.48 -7.39
C ALA A 172 -35.27 5.74 -8.20
N ARG A 173 -34.68 5.63 -9.40
CA ARG A 173 -34.53 6.79 -10.26
C ARG A 173 -35.89 7.40 -10.57
N ASP A 174 -36.82 6.56 -11.04
CA ASP A 174 -38.13 7.06 -11.46
C ASP A 174 -38.92 7.64 -10.28
N ARG A 175 -38.76 7.09 -9.07
CA ARG A 175 -39.51 7.57 -7.92
C ARG A 175 -38.93 8.83 -7.30
N TRP A 176 -37.61 9.00 -7.34
CA TRP A 176 -36.96 9.97 -6.45
C TRP A 176 -35.96 10.91 -7.10
N LEU A 177 -35.41 10.59 -8.26
CA LEU A 177 -34.33 11.41 -8.77
C LEU A 177 -34.92 12.68 -9.35
N ARG A 178 -34.45 13.82 -8.89
CA ARG A 178 -34.99 15.05 -9.43
C ARG A 178 -34.65 15.15 -10.91
N PRO A 179 -35.51 15.81 -11.70
CA PRO A 179 -35.15 16.10 -13.09
C PRO A 179 -33.73 16.64 -13.18
N GLY A 180 -32.94 16.08 -14.09
CA GLY A 180 -31.56 16.47 -14.25
C GLY A 180 -30.57 15.90 -13.24
N GLY A 181 -31.05 15.15 -12.23
CA GLY A 181 -30.17 14.60 -11.22
C GLY A 181 -29.22 13.53 -11.77
N TYR A 182 -28.27 13.13 -10.93
CA TYR A 182 -27.15 12.31 -11.40
C TYR A 182 -27.18 10.89 -10.84
N LEU A 183 -26.75 9.94 -11.67
CA LEU A 183 -26.56 8.55 -11.26
C LEU A 183 -25.07 8.23 -11.31
N PHE A 184 -24.55 7.76 -10.18
CA PHE A 184 -23.16 7.37 -10.00
C PHE A 184 -23.10 5.86 -9.83
N PRO A 185 -22.61 5.08 -10.79
CA PRO A 185 -22.17 5.45 -12.14
C PRO A 185 -23.38 5.50 -13.06
N ASP A 186 -23.29 5.95 -14.31
CA ASP A 186 -24.48 6.01 -15.14
C ASP A 186 -24.32 5.36 -16.50
N LYS A 187 -23.13 4.89 -16.86
CA LYS A 187 -22.93 4.28 -18.17
C LYS A 187 -22.06 3.04 -18.05
N CYS A 188 -22.50 1.97 -18.66
CA CYS A 188 -21.77 0.71 -18.69
C CYS A 188 -21.74 0.20 -20.12
N THR A 189 -20.57 -0.25 -20.53
CA THR A 189 -20.37 -0.78 -21.87
C THR A 189 -19.80 -2.19 -21.79
N MET A 190 -20.38 -3.10 -22.57
CA MET A 190 -19.92 -4.48 -22.65
C MET A 190 -19.10 -4.67 -23.91
N TYR A 191 -18.03 -5.44 -23.77
CA TYR A 191 -17.12 -5.80 -24.84
C TYR A 191 -17.03 -7.32 -24.92
N ILE A 192 -16.69 -7.81 -26.09
CA ILE A 192 -16.57 -9.25 -26.32
C ILE A 192 -15.48 -9.47 -27.36
N CYS A 193 -14.70 -10.53 -27.18
CA CYS A 193 -13.70 -10.96 -28.15
C CYS A 193 -13.53 -12.48 -28.08
N GLY A 194 -12.72 -13.01 -29.00
CA GLY A 194 -12.45 -14.43 -29.08
C GLY A 194 -11.09 -14.74 -28.47
N ILE A 195 -10.99 -15.94 -27.86
CA ILE A 195 -9.76 -16.35 -27.20
C ILE A 195 -9.38 -17.76 -27.59
N GLU A 196 -8.10 -18.04 -27.43
CA GLU A 196 -7.55 -19.39 -27.45
C GLU A 196 -7.55 -19.91 -26.01
N ASP A 197 -8.20 -21.04 -25.76
CA ASP A 197 -8.25 -21.60 -24.41
C ASP A 197 -8.30 -23.12 -24.52
N SER A 198 -7.32 -23.69 -25.20
CA SER A 198 -7.35 -25.13 -25.46
C SER A 198 -7.17 -25.92 -24.17
N GLU A 199 -6.22 -25.50 -23.32
CA GLU A 199 -5.99 -26.19 -22.06
C GLU A 199 -7.27 -26.24 -21.24
N TYR A 200 -7.79 -25.06 -20.86
CA TYR A 200 -8.95 -25.01 -19.98
C TYR A 200 -10.17 -25.67 -20.60
N LYS A 201 -10.29 -25.71 -21.92
CA LYS A 201 -11.47 -26.35 -22.50
C LYS A 201 -11.37 -27.87 -22.41
N ARG A 202 -10.18 -28.45 -22.52
CA ARG A 202 -10.04 -29.88 -22.37
C ARG A 202 -10.27 -30.30 -20.92
N ASP A 203 -9.99 -29.42 -19.97
CA ASP A 203 -10.16 -29.74 -18.56
C ASP A 203 -11.61 -29.55 -18.08
N LYS A 204 -12.30 -28.52 -18.57
CA LYS A 204 -13.65 -28.22 -18.12
C LYS A 204 -14.74 -28.92 -18.95
N ILE A 205 -14.43 -29.36 -20.17
CA ILE A 205 -15.46 -29.84 -21.08
C ILE A 205 -15.22 -31.29 -21.48
N ASP A 206 -14.09 -31.59 -22.13
CA ASP A 206 -13.84 -32.96 -22.59
C ASP A 206 -13.49 -33.90 -21.44
N PHE A 207 -13.34 -33.38 -20.22
CA PHE A 207 -13.26 -34.20 -19.02
C PHE A 207 -14.43 -35.19 -18.96
N TRP A 208 -15.61 -34.77 -19.40
CA TRP A 208 -16.81 -35.60 -19.23
C TRP A 208 -16.85 -36.81 -20.15
N ASP A 209 -15.92 -36.93 -21.11
CA ASP A 209 -15.99 -38.06 -22.02
C ASP A 209 -15.66 -39.36 -21.32
N ASN A 210 -14.81 -39.31 -20.30
CA ASN A 210 -14.32 -40.51 -19.68
C ASN A 210 -13.97 -40.13 -18.25
N VAL A 211 -14.81 -40.54 -17.32
CA VAL A 211 -14.65 -40.24 -15.90
C VAL A 211 -14.48 -41.57 -15.18
N TYR A 212 -13.23 -41.85 -14.73
CA TYR A 212 -12.86 -43.13 -14.13
C TYR A 212 -13.33 -44.29 -15.00
N GLY A 213 -13.20 -44.11 -16.31
CA GLY A 213 -13.58 -45.12 -17.26
C GLY A 213 -15.02 -45.08 -17.70
N PHE A 214 -15.86 -44.28 -17.06
CA PHE A 214 -17.27 -44.23 -17.41
C PHE A 214 -17.53 -43.11 -18.41
N ASN A 215 -18.57 -43.26 -19.21
CA ASN A 215 -18.93 -42.25 -20.21
C ASN A 215 -19.91 -41.27 -19.59
N PHE A 216 -19.44 -40.05 -19.33
CA PHE A 216 -20.27 -39.00 -18.73
C PHE A 216 -20.69 -37.96 -19.77
N SER A 217 -20.55 -38.28 -21.05
CA SER A 217 -20.79 -37.30 -22.11
C SER A 217 -22.21 -36.74 -22.05
N ALA A 218 -23.16 -37.41 -21.39
CA ALA A 218 -24.50 -36.86 -21.29
C ALA A 218 -24.53 -35.50 -20.58
N ILE A 219 -23.48 -35.22 -19.79
CA ILE A 219 -23.35 -33.98 -19.04
C ILE A 219 -22.66 -32.89 -19.83
N LYS A 220 -22.07 -33.22 -20.97
CA LYS A 220 -21.18 -32.27 -21.66
C LYS A 220 -21.93 -31.01 -22.10
N ALA A 221 -23.15 -31.17 -22.63
CA ALA A 221 -23.90 -30.00 -23.09
C ALA A 221 -24.27 -29.09 -21.92
N ASP A 222 -24.46 -29.66 -20.73
CA ASP A 222 -24.74 -28.82 -19.57
C ASP A 222 -23.49 -28.10 -19.10
N ALA A 223 -22.31 -28.71 -19.25
CA ALA A 223 -21.08 -28.00 -18.93
C ALA A 223 -20.87 -26.83 -19.88
N LEU A 224 -21.14 -27.03 -21.17
CA LEU A 224 -20.97 -25.98 -22.17
C LEU A 224 -21.97 -24.85 -21.99
N ARG A 225 -23.17 -25.13 -21.46
CA ARG A 225 -24.22 -24.11 -21.40
C ARG A 225 -24.03 -23.12 -20.26
N GLU A 226 -23.10 -23.40 -19.35
CA GLU A 226 -22.87 -22.54 -18.21
C GLU A 226 -21.68 -21.66 -18.54
N PRO A 227 -21.86 -20.35 -18.70
CA PRO A 227 -20.69 -19.48 -18.83
C PRO A 227 -19.88 -19.54 -17.55
N LEU A 228 -18.58 -19.39 -17.70
CA LEU A 228 -17.66 -19.44 -16.58
C LEU A 228 -17.22 -18.02 -16.21
N VAL A 229 -17.31 -17.68 -14.93
CA VAL A 229 -16.78 -16.43 -14.42
C VAL A 229 -15.35 -16.70 -13.96
N ASP A 230 -14.37 -16.18 -14.71
CA ASP A 230 -12.98 -16.47 -14.38
C ASP A 230 -12.11 -15.43 -15.07
N PHE A 231 -10.88 -15.32 -14.60
CA PHE A 231 -9.92 -14.43 -15.23
C PHE A 231 -9.32 -15.09 -16.47
N VAL A 232 -9.15 -14.30 -17.51
CA VAL A 232 -8.53 -14.70 -18.75
C VAL A 232 -7.26 -13.88 -18.91
N GLU A 233 -6.20 -14.50 -19.42
CA GLU A 233 -5.01 -13.74 -19.73
C GLU A 233 -5.18 -13.04 -21.08
N SER A 234 -4.69 -11.80 -21.17
CA SER A 234 -4.85 -11.04 -22.40
C SER A 234 -4.12 -11.67 -23.59
N GLN A 235 -3.05 -12.42 -23.34
CA GLN A 235 -2.37 -13.03 -24.47
C GLN A 235 -3.16 -14.18 -25.08
N GLN A 236 -4.24 -14.63 -24.41
CA GLN A 236 -5.15 -15.60 -25.03
C GLN A 236 -6.06 -14.99 -26.08
N ILE A 237 -6.14 -13.65 -26.15
CA ILE A 237 -7.08 -12.99 -27.05
C ILE A 237 -6.51 -13.01 -28.46
N ILE A 238 -7.35 -13.39 -29.42
CA ILE A 238 -6.89 -13.58 -30.79
C ILE A 238 -7.83 -12.88 -31.76
N THR A 239 -8.68 -11.98 -31.25
CA THR A 239 -9.52 -11.16 -32.10
C THR A 239 -9.49 -9.74 -31.59
N THR A 240 -9.91 -8.81 -32.45
CA THR A 240 -10.22 -7.48 -31.97
C THR A 240 -11.39 -7.53 -30.98
N GLN A 241 -11.62 -6.43 -30.28
CA GLN A 241 -12.73 -6.32 -29.34
C GLN A 241 -13.92 -5.62 -29.98
N SER A 242 -15.10 -6.07 -29.59
CA SER A 242 -16.35 -5.55 -30.11
C SER A 242 -17.17 -5.05 -28.93
N LYS A 243 -17.44 -3.75 -28.92
CA LYS A 243 -18.48 -3.19 -28.08
C LYS A 243 -19.81 -3.71 -28.57
N PHE A 244 -20.55 -4.44 -27.74
CA PHE A 244 -21.82 -5.00 -28.18
C PHE A 244 -23.02 -4.51 -27.40
N LEU A 245 -22.84 -3.79 -26.30
CA LEU A 245 -23.96 -3.28 -25.53
C LEU A 245 -23.53 -2.04 -24.75
N GLU A 246 -24.41 -1.03 -24.72
CA GLU A 246 -24.24 0.09 -23.82
C GLU A 246 -25.53 0.29 -23.02
N ILE A 247 -25.37 0.51 -21.73
CA ILE A 247 -26.48 0.74 -20.82
C ILE A 247 -26.32 2.15 -20.29
N ASP A 248 -27.26 3.04 -20.62
CA ASP A 248 -27.25 4.43 -20.17
C ASP A 248 -28.33 4.59 -19.11
N LEU A 249 -27.93 4.71 -17.84
CA LEU A 249 -28.91 4.79 -16.75
C LEU A 249 -29.70 6.10 -16.78
N ASN A 250 -29.21 7.13 -17.47
CA ASN A 250 -30.00 8.35 -17.60
C ASN A 250 -31.26 8.15 -18.43
N THR A 251 -31.22 7.24 -19.44
CA THR A 251 -32.30 7.12 -20.40
C THR A 251 -32.98 5.77 -20.46
N ILE A 252 -32.36 4.70 -19.98
CA ILE A 252 -32.92 3.38 -20.22
C ILE A 252 -34.22 3.22 -19.46
N GLN A 253 -35.11 2.37 -19.97
CA GLN A 253 -36.40 2.10 -19.35
C GLN A 253 -36.52 0.64 -18.94
N PRO A 254 -37.32 0.35 -17.91
CA PRO A 254 -37.39 -1.03 -17.41
C PRO A 254 -37.83 -2.04 -18.46
N GLU A 255 -38.77 -1.68 -19.34
CA GLU A 255 -39.23 -2.64 -20.34
C GLU A 255 -38.19 -2.87 -21.44
N ASP A 256 -37.25 -1.94 -21.65
CA ASP A 256 -36.12 -2.18 -22.54
C ASP A 256 -35.30 -3.40 -22.15
N LEU A 257 -35.38 -3.83 -20.88
CA LEU A 257 -34.56 -4.91 -20.38
C LEU A 257 -35.24 -6.27 -20.39
N LYS A 258 -36.56 -6.31 -20.64
CA LYS A 258 -37.24 -7.60 -20.74
C LYS A 258 -36.45 -8.55 -21.62
N GLN A 259 -36.03 -8.08 -22.79
CA GLN A 259 -35.26 -8.89 -23.72
C GLN A 259 -34.31 -7.97 -24.48
N ILE A 260 -33.02 -8.24 -24.36
CA ILE A 260 -32.00 -7.44 -25.02
C ILE A 260 -31.55 -8.20 -26.25
N THR A 261 -31.60 -7.52 -27.38
CA THR A 261 -31.03 -8.04 -28.61
C THR A 261 -29.98 -7.06 -29.06
N THR A 262 -28.81 -7.57 -29.42
CA THR A 262 -27.69 -6.72 -29.76
C THR A 262 -26.85 -7.42 -30.80
N SER A 263 -25.88 -6.69 -31.35
N SER A 263 -25.88 -6.69 -31.35
CA SER A 263 -25.02 -7.16 -32.42
CA SER A 263 -25.03 -7.20 -32.40
C SER A 263 -23.57 -7.03 -31.99
C SER A 263 -23.57 -7.04 -31.99
N PHE A 264 -22.73 -7.90 -32.53
CA PHE A 264 -21.32 -7.88 -32.25
C PHE A 264 -20.62 -8.30 -33.52
N GLU A 265 -19.39 -7.83 -33.66
CA GLU A 265 -18.59 -8.06 -34.85
C GLU A 265 -17.15 -7.93 -34.39
N PHE A 266 -16.33 -8.97 -34.58
CA PHE A 266 -14.90 -8.80 -34.37
C PHE A 266 -14.11 -9.65 -35.37
N THR A 267 -12.80 -9.43 -35.37
CA THR A 267 -11.93 -9.80 -36.46
C THR A 267 -10.75 -10.60 -35.96
N SER A 268 -10.52 -11.76 -36.57
CA SER A 268 -9.39 -12.59 -36.18
C SER A 268 -8.07 -11.95 -36.58
N GLN A 269 -7.11 -11.99 -35.66
CA GLN A 269 -5.76 -11.50 -35.92
C GLN A 269 -4.74 -12.59 -36.20
N TYR A 270 -5.10 -13.87 -36.07
CA TYR A 270 -4.14 -14.97 -36.09
C TYR A 270 -4.69 -16.18 -36.84
N GLN A 271 -3.77 -17.04 -37.27
CA GLN A 271 -4.10 -18.39 -37.73
C GLN A 271 -4.12 -19.26 -36.48
N GLU A 272 -5.31 -19.62 -36.01
CA GLU A 272 -5.45 -20.15 -34.66
C GLU A 272 -6.86 -20.71 -34.52
N TYR A 273 -7.03 -21.59 -33.54
CA TYR A 273 -8.37 -22.07 -33.18
C TYR A 273 -8.93 -21.22 -32.04
N CYS A 274 -10.22 -20.90 -32.14
CA CYS A 274 -10.92 -20.15 -31.11
C CYS A 274 -11.84 -21.10 -30.35
N GLN A 275 -11.62 -21.22 -29.05
CA GLN A 275 -12.40 -22.11 -28.20
C GLN A 275 -13.48 -21.43 -27.38
N ALA A 276 -13.44 -20.11 -27.24
CA ALA A 276 -14.41 -19.42 -26.39
C ALA A 276 -14.47 -17.95 -26.78
N PHE A 277 -15.60 -17.32 -26.44
CA PHE A 277 -15.70 -15.87 -26.41
C PHE A 277 -15.62 -15.39 -24.97
N VAL A 278 -14.96 -14.26 -24.75
CA VAL A 278 -14.83 -13.66 -23.43
C VAL A 278 -15.48 -12.28 -23.48
N ALA A 279 -16.19 -11.95 -22.42
CA ALA A 279 -16.96 -10.72 -22.31
C ALA A 279 -16.66 -10.06 -20.97
N TRP A 280 -16.68 -8.74 -20.98
CA TRP A 280 -16.51 -7.93 -19.78
C TRP A 280 -17.25 -6.61 -19.98
N PHE A 281 -17.20 -5.74 -18.96
CA PHE A 281 -17.82 -4.44 -19.06
C PHE A 281 -16.93 -3.36 -18.46
N ASP A 282 -17.06 -2.16 -19.03
CA ASP A 282 -16.47 -0.94 -18.50
C ASP A 282 -17.62 -0.09 -17.97
N CYS A 283 -17.34 0.62 -16.92
CA CYS A 283 -18.33 1.41 -16.21
C CYS A 283 -17.79 2.84 -16.11
N VAL A 284 -18.67 3.80 -16.36
CA VAL A 284 -18.28 5.21 -16.41
C VAL A 284 -19.24 6.06 -15.59
N PHE A 285 -18.69 6.93 -14.75
CA PHE A 285 -19.41 7.99 -14.06
C PHE A 285 -19.30 9.20 -15.01
N SER A 286 -20.26 9.39 -15.92
CA SER A 286 -20.09 10.38 -17.00
C SER A 286 -20.81 11.70 -16.72
N ARG A 287 -22.11 11.67 -16.47
CA ARG A 287 -22.84 12.88 -16.08
C ARG A 287 -22.62 13.19 -14.59
N GLY A 288 -22.03 14.34 -14.30
CA GLY A 288 -21.91 14.83 -12.94
C GLY A 288 -20.47 15.17 -12.60
N PRO A 289 -19.58 14.19 -12.71
CA PRO A 289 -18.18 14.45 -12.39
C PRO A 289 -17.59 15.53 -13.30
N HIS A 290 -16.69 16.33 -12.73
CA HIS A 290 -16.04 17.39 -13.50
C HIS A 290 -15.22 16.82 -14.64
N LYS A 291 -14.46 15.74 -14.37
CA LYS A 291 -13.84 14.89 -15.37
C LYS A 291 -14.43 13.48 -15.25
N PRO A 292 -14.61 12.77 -16.36
CA PRO A 292 -15.20 11.42 -16.25
C PRO A 292 -14.28 10.44 -15.54
N VAL A 293 -14.89 9.58 -14.74
CA VAL A 293 -14.19 8.54 -14.02
C VAL A 293 -14.64 7.20 -14.58
N GLU A 294 -13.67 6.32 -14.80
CA GLU A 294 -13.91 5.06 -15.48
C GLU A 294 -13.17 3.95 -14.76
N PHE A 295 -13.71 2.74 -14.90
CA PHE A 295 -12.96 1.56 -14.54
C PHE A 295 -13.44 0.42 -15.44
N SER A 296 -12.58 -0.56 -15.61
CA SER A 296 -12.82 -1.68 -16.51
C SER A 296 -12.72 -2.99 -15.75
N THR A 297 -13.50 -3.98 -16.17
CA THR A 297 -13.37 -5.32 -15.63
C THR A 297 -12.71 -6.26 -16.65
N GLY A 298 -12.00 -5.68 -17.65
CA GLY A 298 -11.43 -6.45 -18.74
C GLY A 298 -10.07 -7.03 -18.40
N PRO A 299 -9.56 -7.87 -19.29
CA PRO A 299 -8.33 -8.62 -18.99
C PRO A 299 -7.05 -7.82 -19.21
N PHE A 300 -7.14 -6.64 -19.81
CA PHE A 300 -5.96 -5.84 -20.04
C PHE A 300 -5.56 -4.98 -18.85
N THR A 301 -6.36 -4.99 -17.78
CA THR A 301 -6.17 -4.11 -16.64
C THR A 301 -6.28 -4.96 -15.39
N GLU A 302 -5.99 -4.35 -14.25
CA GLU A 302 -6.00 -5.07 -12.99
C GLU A 302 -7.35 -5.72 -12.76
N GLY A 303 -7.33 -6.94 -12.22
CA GLY A 303 -8.56 -7.67 -12.02
C GLY A 303 -9.47 -7.04 -10.98
N THR A 304 -10.76 -7.33 -11.12
CA THR A 304 -11.81 -6.96 -10.19
C THR A 304 -12.55 -8.22 -9.77
N HIS A 305 -13.39 -8.09 -8.74
CA HIS A 305 -14.15 -9.26 -8.30
C HIS A 305 -15.15 -9.74 -9.35
N TRP A 306 -15.42 -8.96 -10.40
CA TRP A 306 -16.28 -9.47 -11.45
C TRP A 306 -15.54 -10.37 -12.44
N LYS A 307 -14.23 -10.31 -12.46
CA LYS A 307 -13.41 -11.14 -13.37
C LYS A 307 -13.86 -10.87 -14.81
N GLN A 308 -13.90 -11.89 -15.64
CA GLN A 308 -14.48 -11.83 -16.96
C GLN A 308 -15.41 -13.03 -17.06
N THR A 309 -16.16 -13.11 -18.16
CA THR A 309 -17.16 -14.14 -18.38
C THR A 309 -16.79 -14.88 -19.65
N VAL A 310 -16.62 -16.20 -19.55
CA VAL A 310 -16.10 -17.01 -20.66
C VAL A 310 -17.21 -17.90 -21.18
N PHE A 311 -17.45 -17.83 -22.50
CA PHE A 311 -18.49 -18.57 -23.19
C PHE A 311 -17.81 -19.62 -24.06
N TYR A 312 -17.79 -20.88 -23.60
CA TYR A 312 -17.12 -21.94 -24.36
C TYR A 312 -17.93 -22.30 -25.58
N LEU A 313 -17.24 -22.49 -26.70
CA LEU A 313 -17.88 -22.83 -27.96
C LEU A 313 -18.04 -24.35 -28.08
N GLU A 314 -19.20 -24.78 -28.59
CA GLU A 314 -19.42 -26.20 -28.82
C GLU A 314 -18.38 -26.76 -29.77
N ASN A 315 -18.16 -26.07 -30.89
CA ASN A 315 -17.16 -26.47 -31.88
C ASN A 315 -16.16 -25.35 -32.06
N ASP A 316 -14.88 -25.68 -31.85
CA ASP A 316 -13.81 -24.74 -32.08
C ASP A 316 -13.95 -24.11 -33.47
N LEU A 317 -13.57 -22.84 -33.56
CA LEU A 317 -13.60 -22.14 -34.84
C LEU A 317 -12.18 -22.08 -35.36
N PRO A 318 -11.87 -22.64 -36.54
CA PRO A 318 -10.55 -22.41 -37.13
C PRO A 318 -10.53 -21.06 -37.83
N LEU A 319 -9.74 -20.14 -37.31
CA LEU A 319 -9.72 -18.76 -37.79
C LEU A 319 -8.43 -18.48 -38.57
N LYS A 320 -8.58 -17.79 -39.67
CA LYS A 320 -7.49 -17.21 -40.44
C LYS A 320 -7.42 -15.72 -40.16
N PRO A 321 -6.26 -15.09 -40.33
CA PRO A 321 -6.19 -13.63 -40.14
C PRO A 321 -7.22 -12.93 -41.02
N ASN A 322 -7.83 -11.90 -40.45
CA ASN A 322 -8.84 -11.05 -41.08
C ASN A 322 -10.18 -11.74 -41.25
N ASP A 323 -10.34 -13.00 -40.81
CA ASP A 323 -11.67 -13.59 -40.72
C ASP A 323 -12.57 -12.71 -39.85
N VAL A 324 -13.84 -12.63 -40.22
CA VAL A 324 -14.80 -11.74 -39.57
C VAL A 324 -15.83 -12.61 -38.87
N ILE A 325 -16.01 -12.42 -37.58
CA ILE A 325 -17.04 -13.10 -36.81
C ILE A 325 -18.08 -12.06 -36.47
N LYS A 326 -19.33 -12.28 -36.87
CA LYS A 326 -20.36 -11.29 -36.58
C LYS A 326 -21.67 -12.00 -36.33
N GLY A 327 -22.47 -11.44 -35.44
CA GLY A 327 -23.71 -12.08 -35.08
C GLY A 327 -24.47 -11.26 -34.08
N THR A 328 -25.44 -11.92 -33.45
CA THR A 328 -26.29 -11.32 -32.44
C THR A 328 -26.19 -12.08 -31.13
N ILE A 329 -26.40 -11.35 -30.05
CA ILE A 329 -26.49 -11.91 -28.70
C ILE A 329 -27.80 -11.44 -28.12
N THR A 330 -28.59 -12.38 -27.61
CA THR A 330 -29.88 -12.05 -27.02
C THR A 330 -29.86 -12.45 -25.56
N ILE A 331 -30.24 -11.51 -24.70
CA ILE A 331 -30.15 -11.65 -23.25
C ILE A 331 -31.54 -11.44 -22.67
N SER A 332 -31.98 -12.38 -21.84
CA SER A 332 -33.28 -12.27 -21.18
C SER A 332 -33.35 -13.20 -19.97
N GLN A 333 -34.30 -12.91 -19.08
CA GLN A 333 -34.46 -13.73 -17.88
C GLN A 333 -35.09 -15.08 -18.21
N ASN A 334 -34.67 -16.11 -17.48
CA ASN A 334 -35.11 -17.46 -17.74
C ASN A 334 -36.56 -17.63 -17.31
N LYS A 335 -37.35 -18.32 -18.15
CA LYS A 335 -38.78 -18.44 -17.91
C LYS A 335 -39.08 -19.24 -16.64
N SER A 336 -38.36 -20.34 -16.42
CA SER A 336 -38.70 -21.23 -15.31
C SER A 336 -38.08 -20.78 -13.99
N ASN A 337 -36.94 -20.08 -14.02
CA ASN A 337 -36.37 -19.47 -12.83
C ASN A 337 -35.91 -18.06 -13.19
N HIS A 338 -36.51 -17.05 -12.57
CA HIS A 338 -36.26 -15.67 -12.98
C HIS A 338 -34.91 -15.13 -12.51
N ARG A 339 -34.29 -15.75 -11.51
CA ARG A 339 -32.93 -15.40 -11.14
C ARG A 339 -31.91 -15.76 -12.23
N ASP A 340 -32.26 -16.65 -13.13
CA ASP A 340 -31.37 -17.15 -14.16
C ASP A 340 -31.40 -16.25 -15.40
N LEU A 341 -30.29 -16.25 -16.14
CA LEU A 341 -30.13 -15.38 -17.30
C LEU A 341 -29.88 -16.22 -18.55
N ASP A 342 -30.77 -16.10 -19.53
CA ASP A 342 -30.61 -16.79 -20.80
C ASP A 342 -29.83 -15.92 -21.77
N ILE A 343 -28.79 -16.49 -22.37
CA ILE A 343 -27.93 -15.81 -23.33
C ILE A 343 -27.83 -16.65 -24.59
N SER A 344 -28.28 -16.10 -25.72
CA SER A 344 -28.35 -16.82 -26.97
C SER A 344 -27.46 -16.13 -27.99
N MET A 345 -26.62 -16.91 -28.66
CA MET A 345 -25.70 -16.40 -29.67
C MET A 345 -25.99 -17.03 -31.02
N LYS A 346 -25.99 -16.20 -32.06
CA LYS A 346 -26.04 -16.63 -33.44
C LYS A 346 -25.01 -15.83 -34.21
N TYR A 347 -24.11 -16.50 -34.89
CA TYR A 347 -23.05 -15.78 -35.58
C TYR A 347 -22.56 -16.59 -36.77
N THR A 348 -21.80 -15.90 -37.62
CA THR A 348 -21.19 -16.47 -38.80
C THR A 348 -19.72 -16.08 -38.84
N VAL A 349 -18.99 -16.78 -39.69
CA VAL A 349 -17.59 -16.48 -39.98
C VAL A 349 -17.47 -16.27 -41.47
N ASN A 350 -17.02 -15.08 -41.88
CA ASN A 350 -16.98 -14.69 -43.29
C ASN A 350 -18.26 -15.07 -44.04
N GLY A 351 -19.42 -14.86 -43.43
CA GLY A 351 -20.68 -15.16 -44.09
C GLY A 351 -21.04 -16.62 -44.14
N GLY A 352 -20.25 -17.50 -43.51
CA GLY A 352 -20.58 -18.92 -43.47
C GLY A 352 -21.96 -19.20 -42.96
N ALA A 353 -22.29 -20.47 -42.75
CA ALA A 353 -23.61 -20.78 -42.25
C ALA A 353 -23.72 -20.36 -40.79
N VAL A 354 -24.96 -20.16 -40.34
CA VAL A 354 -25.20 -19.63 -39.00
C VAL A 354 -24.85 -20.68 -37.95
N ILE A 355 -24.02 -20.29 -37.00
CA ILE A 355 -23.72 -21.09 -35.83
C ILE A 355 -24.51 -20.50 -34.68
N SER A 356 -25.19 -21.33 -33.92
CA SER A 356 -25.98 -20.85 -32.80
C SER A 356 -25.66 -21.69 -31.57
N GLN A 357 -25.53 -21.01 -30.43
CA GLN A 357 -25.34 -21.66 -29.15
C GLN A 357 -26.08 -20.88 -28.10
N ASP A 358 -26.71 -21.60 -27.17
CA ASP A 358 -27.48 -21.03 -26.07
C ASP A 358 -26.80 -21.33 -24.74
N TYR A 359 -26.80 -20.33 -23.87
CA TYR A 359 -26.20 -20.44 -22.55
C TYR A 359 -27.25 -20.08 -21.53
N ILE A 360 -27.04 -20.54 -20.31
CA ILE A 360 -27.85 -20.13 -19.16
C ILE A 360 -26.88 -19.85 -18.03
N MET A 361 -26.89 -18.62 -17.53
CA MET A 361 -26.16 -18.31 -16.32
C MET A 361 -27.10 -18.55 -15.16
N ARG A 362 -26.72 -19.45 -14.26
CA ARG A 362 -27.53 -19.76 -13.10
C ARG A 362 -26.61 -20.08 -11.93
N PHE B 49 5.56 18.01 8.30
CA PHE B 49 6.70 18.51 7.54
C PHE B 49 7.72 17.39 7.27
N GLY B 50 8.73 17.70 6.44
CA GLY B 50 9.46 16.68 5.72
C GLY B 50 10.09 15.61 6.59
N ILE B 51 10.73 16.02 7.69
CA ILE B 51 11.52 15.08 8.48
C ILE B 51 10.67 13.89 8.93
N HIS B 52 9.43 14.16 9.33
CA HIS B 52 8.61 13.09 9.86
C HIS B 52 8.05 12.21 8.77
N GLU B 53 7.74 12.77 7.60
CA GLU B 53 7.23 11.93 6.52
C GLU B 53 8.27 10.90 6.11
N GLU B 54 9.54 11.33 6.04
CA GLU B 54 10.62 10.41 5.71
C GLU B 54 10.65 9.23 6.68
N MET B 55 10.62 9.52 7.97
CA MET B 55 10.73 8.45 8.94
C MET B 55 9.53 7.52 8.91
N LEU B 56 8.32 8.06 8.75
CA LEU B 56 7.14 7.21 8.69
C LEU B 56 7.20 6.28 7.49
N LYS B 57 7.63 6.79 6.33
CA LYS B 57 7.81 5.98 5.13
C LYS B 57 8.91 4.92 5.28
N ASP B 58 9.80 5.05 6.27
CA ASP B 58 10.86 4.06 6.48
C ASP B 58 10.23 2.81 7.10
N GLY B 59 9.93 1.81 6.26
CA GLY B 59 9.21 0.64 6.72
C GLY B 59 10.02 -0.34 7.53
N ILE B 60 11.31 -0.47 7.22
CA ILE B 60 12.17 -1.33 8.04
C ILE B 60 12.18 -0.83 9.47
N ARG B 61 12.37 0.48 9.64
CA ARG B 61 12.43 1.09 10.96
C ARG B 61 11.08 0.95 11.67
N THR B 62 10.04 1.51 11.05
CA THR B 62 8.76 1.61 11.73
C THR B 62 8.19 0.24 12.05
N ASN B 63 8.32 -0.72 11.12
CA ASN B 63 7.81 -2.04 11.42
C ASN B 63 8.63 -2.76 12.46
N ALA B 64 9.92 -2.42 12.60
CA ALA B 64 10.67 -2.97 13.73
C ALA B 64 10.04 -2.55 15.05
N TYR B 65 9.78 -1.24 15.23
CA TYR B 65 9.11 -0.77 16.44
C TYR B 65 7.71 -1.35 16.55
N LYS B 66 6.95 -1.36 15.46
CA LYS B 66 5.60 -1.91 15.51
C LYS B 66 5.60 -3.34 16.03
N ASN B 67 6.50 -4.16 15.52
CA ASN B 67 6.57 -5.55 15.96
C ASN B 67 7.08 -5.66 17.39
N ALA B 68 8.04 -4.83 17.79
CA ALA B 68 8.51 -4.92 19.17
C ALA B 68 7.40 -4.52 20.15
N ILE B 69 6.52 -3.60 19.74
CA ILE B 69 5.53 -3.03 20.65
C ILE B 69 4.21 -3.78 20.49
N LEU B 70 3.65 -3.75 19.28
CA LEU B 70 2.29 -4.25 19.09
C LEU B 70 2.21 -5.75 19.25
N GLN B 71 3.24 -6.49 18.84
CA GLN B 71 3.17 -7.93 19.03
C GLN B 71 3.34 -8.34 20.49
N ASN B 72 3.77 -7.44 21.36
CA ASN B 72 4.04 -7.79 22.75
C ASN B 72 3.08 -7.11 23.72
N LYS B 73 1.78 -7.23 23.43
CA LYS B 73 0.77 -6.70 24.33
C LYS B 73 1.04 -7.14 25.76
N HIS B 74 1.33 -8.42 25.96
CA HIS B 74 1.55 -8.94 27.31
C HIS B 74 2.55 -8.07 28.07
N LEU B 75 3.62 -7.65 27.40
CA LEU B 75 4.61 -6.80 28.04
C LEU B 75 4.06 -5.41 28.35
N PHE B 76 3.22 -4.84 27.49
CA PHE B 76 2.84 -3.44 27.63
C PHE B 76 1.57 -3.22 28.44
N LYS B 77 0.75 -4.25 28.58
CA LYS B 77 -0.52 -4.14 29.27
C LYS B 77 -0.35 -3.49 30.63
N ASP B 78 -1.12 -2.42 30.86
CA ASP B 78 -1.17 -1.69 32.12
C ASP B 78 0.17 -1.09 32.53
N LYS B 79 1.14 -1.04 31.62
CA LYS B 79 2.42 -0.43 31.98
C LYS B 79 2.40 1.09 31.75
N VAL B 80 3.34 1.75 32.41
CA VAL B 80 3.62 3.16 32.21
C VAL B 80 4.81 3.27 31.27
N VAL B 81 4.62 3.97 30.15
CA VAL B 81 5.58 4.05 29.06
C VAL B 81 5.99 5.50 28.81
N LEU B 82 7.26 5.70 28.57
CA LEU B 82 7.81 7.01 28.23
C LEU B 82 8.42 6.95 26.83
N ASP B 83 8.05 7.90 25.97
CA ASP B 83 8.54 7.95 24.59
C ASP B 83 9.37 9.21 24.41
N ILE B 84 10.67 9.04 24.24
CA ILE B 84 11.57 10.17 24.12
C ILE B 84 11.65 10.54 22.64
N GLY B 85 11.32 11.78 22.31
CA GLY B 85 11.32 12.23 20.93
C GLY B 85 10.14 11.67 20.16
N CYS B 86 8.92 11.95 20.64
CA CYS B 86 7.72 11.30 20.13
C CYS B 86 7.26 11.84 18.79
N GLY B 87 7.75 13.00 18.35
CA GLY B 87 7.40 13.54 17.05
C GLY B 87 5.91 13.49 16.80
N THR B 88 5.49 12.82 15.73
CA THR B 88 4.07 12.70 15.42
C THR B 88 3.30 11.86 16.41
N GLY B 89 3.98 11.05 17.23
CA GLY B 89 3.32 10.21 18.19
C GLY B 89 3.07 8.79 17.75
N ILE B 90 3.59 8.38 16.60
CA ILE B 90 3.33 7.02 16.11
C ILE B 90 3.73 5.97 17.13
N LEU B 91 4.89 6.14 17.77
CA LEU B 91 5.35 5.14 18.74
C LEU B 91 4.47 5.15 19.98
N CYS B 92 4.00 6.33 20.39
CA CYS B 92 3.04 6.40 21.49
C CYS B 92 1.76 5.69 21.13
N LEU B 93 1.30 5.84 19.89
CA LEU B 93 0.09 5.17 19.45
C LEU B 93 0.26 3.64 19.52
N PHE B 94 1.41 3.13 19.07
CA PHE B 94 1.68 1.71 19.19
C PHE B 94 1.58 1.27 20.65
N ALA B 95 2.25 2.00 21.54
CA ALA B 95 2.25 1.63 22.96
C ALA B 95 0.86 1.69 23.56
N ALA B 96 0.02 2.65 23.13
CA ALA B 96 -1.35 2.72 23.63
C ALA B 96 -2.19 1.56 23.06
N LYS B 97 -2.04 1.28 21.78
CA LYS B 97 -2.78 0.18 21.18
C LYS B 97 -2.32 -1.16 21.75
N ALA B 98 -1.09 -1.26 22.19
CA ALA B 98 -0.63 -2.47 22.85
C ALA B 98 -1.13 -2.61 24.27
N GLY B 99 -1.85 -1.62 24.81
CA GLY B 99 -2.49 -1.75 26.10
C GLY B 99 -1.84 -1.02 27.24
N ALA B 100 -0.90 -0.12 26.99
CA ALA B 100 -0.29 0.62 28.08
C ALA B 100 -1.37 1.39 28.83
N LYS B 101 -1.14 1.56 30.12
CA LYS B 101 -2.04 2.34 30.96
C LYS B 101 -1.83 3.83 30.71
N ARG B 102 -0.59 4.28 30.78
CA ARG B 102 -0.22 5.65 30.49
C ARG B 102 0.98 5.66 29.54
N VAL B 103 0.91 6.53 28.54
CA VAL B 103 2.00 6.77 27.60
C VAL B 103 2.33 8.25 27.66
N ILE B 104 3.55 8.57 28.08
CA ILE B 104 4.02 9.94 28.20
C ILE B 104 5.02 10.16 27.08
N GLY B 105 4.69 11.06 26.16
CA GLY B 105 5.56 11.37 25.03
C GLY B 105 6.17 12.74 25.23
N ILE B 106 7.49 12.83 25.06
CA ILE B 106 8.21 14.09 25.19
C ILE B 106 8.80 14.48 23.84
N ASP B 107 8.55 15.72 23.41
CA ASP B 107 9.20 16.28 22.24
C ASP B 107 9.35 17.78 22.38
N MET B 108 10.46 18.31 21.89
CA MET B 108 10.78 19.72 22.09
C MET B 108 10.24 20.64 21.01
N SER B 109 9.77 20.11 19.89
CA SER B 109 9.37 20.95 18.78
C SER B 109 7.86 21.15 18.76
N ASP B 110 7.43 22.08 17.90
CA ASP B 110 6.04 22.46 17.75
C ASP B 110 5.17 21.33 17.22
N ILE B 111 5.79 20.25 16.75
CA ILE B 111 5.04 19.09 16.29
C ILE B 111 4.06 18.61 17.35
N ILE B 112 4.35 18.87 18.63
CA ILE B 112 3.56 18.31 19.72
C ILE B 112 2.09 18.68 19.56
N ASP B 113 1.81 19.92 19.17
CA ASP B 113 0.42 20.37 19.13
C ASP B 113 -0.39 19.58 18.10
N LYS B 114 0.20 19.29 16.93
CA LYS B 114 -0.51 18.44 15.98
C LYS B 114 -0.52 16.99 16.44
N ALA B 115 0.56 16.54 17.08
CA ALA B 115 0.61 15.20 17.64
C ALA B 115 -0.56 14.97 18.60
N ARG B 116 -0.83 15.94 19.48
CA ARG B 116 -2.00 15.86 20.35
C ARG B 116 -3.28 15.68 19.56
N GLN B 117 -3.45 16.43 18.48
CA GLN B 117 -4.67 16.27 17.70
C GLN B 117 -4.76 14.88 17.11
N ILE B 118 -3.61 14.32 16.69
CA ILE B 118 -3.57 12.96 16.15
C ILE B 118 -3.94 11.96 17.23
N VAL B 119 -3.41 12.14 18.43
CA VAL B 119 -3.79 11.28 19.55
C VAL B 119 -5.30 11.32 19.75
N SER B 120 -5.86 12.52 19.77
CA SER B 120 -7.30 12.65 19.96
C SER B 120 -8.06 11.98 18.81
N ASP B 121 -7.60 12.21 17.57
CA ASP B 121 -8.30 11.66 16.41
C ASP B 121 -8.35 10.12 16.46
N ASN B 122 -7.36 9.47 17.07
CA ASN B 122 -7.37 8.02 17.14
C ASN B 122 -7.85 7.47 18.47
N GLY B 123 -8.46 8.30 19.32
CA GLY B 123 -9.15 7.78 20.49
C GLY B 123 -8.33 7.52 21.74
N TYR B 124 -7.10 8.08 21.82
CA TYR B 124 -6.16 7.77 22.90
C TYR B 124 -5.87 8.95 23.82
N SER B 125 -6.75 9.94 23.85
CA SER B 125 -6.45 11.14 24.61
C SER B 125 -6.42 10.88 26.10
N HIS B 126 -7.10 9.83 26.57
CA HIS B 126 -7.04 9.51 27.99
C HIS B 126 -5.80 8.68 28.37
N VAL B 127 -5.05 8.17 27.40
CA VAL B 127 -3.92 7.27 27.64
C VAL B 127 -2.59 7.97 27.39
N ILE B 128 -2.49 8.65 26.24
CA ILE B 128 -1.26 9.30 25.81
C ILE B 128 -1.33 10.75 26.24
N GLU B 129 -0.31 11.21 26.95
CA GLU B 129 -0.20 12.62 27.30
C GLU B 129 1.15 13.09 26.83
N LEU B 130 1.16 14.19 26.07
CA LEU B 130 2.37 14.69 25.43
C LEU B 130 2.83 15.98 26.11
N ILE B 131 4.14 16.13 26.24
CA ILE B 131 4.77 17.25 26.92
C ILE B 131 5.72 17.91 25.94
N LYS B 132 5.48 19.18 25.62
CA LYS B 132 6.39 19.98 24.79
C LYS B 132 7.49 20.51 25.70
N GLY B 133 8.68 19.98 25.55
CA GLY B 133 9.77 20.28 26.47
C GLY B 133 10.98 19.47 26.10
N LYS B 134 12.11 19.83 26.71
CA LYS B 134 13.30 19.01 26.67
C LYS B 134 13.29 18.09 27.89
N VAL B 135 13.67 16.83 27.68
CA VAL B 135 13.65 15.88 28.80
C VAL B 135 14.49 16.41 29.94
N GLU B 136 15.53 17.18 29.63
CA GLU B 136 16.38 17.73 30.68
C GLU B 136 15.60 18.68 31.57
N ASP B 137 14.62 19.39 31.01
CA ASP B 137 13.96 20.51 31.66
C ASP B 137 12.65 20.17 32.35
N ILE B 138 12.20 18.93 32.27
CA ILE B 138 10.93 18.56 32.89
C ILE B 138 11.13 18.38 34.39
N ALA B 139 10.14 18.80 35.17
CA ALA B 139 10.21 18.65 36.62
C ALA B 139 9.72 17.28 37.04
N GLN B 140 8.40 17.12 37.14
CA GLN B 140 7.76 15.85 37.40
C GLN B 140 7.01 15.43 36.14
N LEU B 141 6.73 14.14 36.05
CA LEU B 141 5.83 13.69 35.01
C LEU B 141 4.39 13.85 35.46
N PRO B 142 3.45 13.98 34.54
CA PRO B 142 2.05 14.17 34.93
C PRO B 142 1.49 12.95 35.65
N PHE B 143 0.33 13.16 36.30
CA PHE B 143 -0.39 12.12 37.06
C PHE B 143 0.47 11.54 38.18
N GLY B 144 1.38 12.34 38.73
CA GLY B 144 2.22 11.92 39.84
C GLY B 144 3.11 10.73 39.54
N ILE B 145 3.41 10.47 38.27
CA ILE B 145 4.27 9.34 37.92
C ILE B 145 5.69 9.64 38.36
N GLU B 146 6.30 8.70 39.09
CA GLU B 146 7.69 8.85 39.52
C GLU B 146 8.64 7.92 38.78
N LYS B 147 8.18 6.73 38.37
CA LYS B 147 9.01 5.81 37.62
C LYS B 147 8.18 5.26 36.46
N VAL B 148 8.88 4.74 35.46
CA VAL B 148 8.24 4.15 34.29
C VAL B 148 8.80 2.76 34.07
N ASP B 149 8.01 1.94 33.39
CA ASP B 149 8.39 0.57 33.09
C ASP B 149 9.22 0.43 31.82
N ILE B 150 8.97 1.27 30.83
CA ILE B 150 9.49 1.07 29.48
C ILE B 150 9.78 2.43 28.91
N ILE B 151 10.98 2.59 28.36
CA ILE B 151 11.32 3.79 27.60
C ILE B 151 11.45 3.39 26.16
N ILE B 152 10.66 4.03 25.30
CA ILE B 152 10.78 3.93 23.86
C ILE B 152 11.50 5.17 23.36
N SER B 153 12.46 4.99 22.43
CA SER B 153 12.91 6.16 21.67
C SER B 153 13.46 5.75 20.31
N GLU B 154 13.39 6.70 19.38
CA GLU B 154 14.06 6.67 18.09
C GLU B 154 15.27 7.60 18.20
N TRP B 155 16.37 7.07 18.72
CA TRP B 155 17.49 7.91 19.08
C TRP B 155 18.67 7.80 18.13
N MET B 156 18.70 6.82 17.25
CA MET B 156 19.86 6.63 16.39
C MET B 156 19.94 7.73 15.35
N GLY B 157 21.12 8.36 15.25
CA GLY B 157 21.39 9.29 14.19
C GLY B 157 22.10 8.62 13.01
N TYR B 158 22.37 9.42 11.99
CA TYR B 158 23.26 8.96 10.92
C TYR B 158 24.59 8.51 11.53
N PHE B 159 25.21 7.52 10.91
CA PHE B 159 26.43 6.93 11.48
C PHE B 159 26.22 6.60 12.96
N LEU B 160 24.96 6.27 13.31
CA LEU B 160 24.50 5.97 14.67
C LEU B 160 24.57 7.17 15.60
N LEU B 161 25.72 7.84 15.63
CA LEU B 161 26.01 8.81 16.68
C LEU B 161 25.85 10.27 16.26
N TYR B 162 25.67 10.58 14.98
CA TYR B 162 25.59 11.97 14.56
C TYR B 162 24.21 12.53 14.90
N GLU B 163 24.19 13.57 15.75
CA GLU B 163 22.95 14.24 16.13
C GLU B 163 21.96 13.24 16.71
N SER B 164 22.44 12.43 17.63
CA SER B 164 21.62 11.39 18.24
C SER B 164 21.10 11.89 19.58
N MET B 165 19.95 11.36 19.97
CA MET B 165 19.35 11.66 21.27
C MET B 165 19.88 10.75 22.38
N LEU B 166 21.03 10.10 22.16
CA LEU B 166 21.46 9.09 23.10
C LEU B 166 21.62 9.67 24.49
N GLN B 167 22.22 10.87 24.59
CA GLN B 167 22.44 11.49 25.89
C GLN B 167 21.12 11.80 26.58
N THR B 168 20.13 12.27 25.81
CA THR B 168 18.81 12.55 26.37
C THR B 168 18.13 11.28 26.86
N VAL B 169 18.26 10.20 26.11
CA VAL B 169 17.68 8.94 26.53
C VAL B 169 18.35 8.44 27.81
N LEU B 170 19.67 8.64 27.93
CA LEU B 170 20.35 8.17 29.13
C LEU B 170 19.90 8.94 30.36
N SER B 171 19.69 10.24 30.21
CA SER B 171 19.15 11.05 31.30
C SER B 171 17.83 10.48 31.75
N ALA B 172 16.95 10.18 30.79
CA ALA B 172 15.61 9.70 31.14
C ALA B 172 15.68 8.33 31.77
N ARG B 173 16.53 7.45 31.26
CA ARG B 173 16.71 6.16 31.89
C ARG B 173 17.10 6.33 33.36
N ASP B 174 18.08 7.21 33.62
CA ASP B 174 18.62 7.36 34.97
C ASP B 174 17.58 7.97 35.92
N ARG B 175 16.82 8.96 35.44
CA ARG B 175 15.82 9.60 36.30
C ARG B 175 14.61 8.71 36.55
N TRP B 176 14.04 8.14 35.49
CA TRP B 176 12.69 7.60 35.56
C TRP B 176 12.58 6.11 35.34
N LEU B 177 13.58 5.44 34.78
CA LEU B 177 13.40 4.03 34.47
C LEU B 177 13.51 3.24 35.78
N ARG B 178 12.48 2.47 36.08
CA ARG B 178 12.52 1.64 37.26
C ARG B 178 13.60 0.58 37.08
N PRO B 179 14.23 0.13 38.16
CA PRO B 179 15.23 -0.92 38.03
C PRO B 179 14.64 -2.15 37.35
N GLY B 180 15.36 -2.68 36.36
CA GLY B 180 14.82 -3.75 35.57
C GLY B 180 13.91 -3.32 34.43
N GLY B 181 13.69 -2.02 34.26
CA GLY B 181 12.87 -1.56 33.17
C GLY B 181 13.50 -1.83 31.81
N TYR B 182 12.69 -1.70 30.77
CA TYR B 182 13.12 -2.01 29.41
C TYR B 182 13.38 -0.73 28.60
N LEU B 183 14.41 -0.80 27.76
CA LEU B 183 14.71 0.26 26.80
C LEU B 183 14.48 -0.30 25.40
N PHE B 184 13.63 0.38 24.64
CA PHE B 184 13.18 -0.05 23.32
C PHE B 184 13.66 0.94 22.28
N PRO B 185 14.67 0.61 21.44
CA PRO B 185 15.52 -0.59 21.46
C PRO B 185 16.60 -0.37 22.50
N ASP B 186 17.50 -1.34 22.76
CA ASP B 186 18.54 -1.13 23.75
C ASP B 186 19.95 -1.50 23.32
N LYS B 187 20.14 -2.12 22.15
CA LYS B 187 21.48 -2.47 21.68
C LYS B 187 21.67 -2.09 20.23
N CYS B 188 22.77 -1.38 19.94
CA CYS B 188 23.18 -1.10 18.56
C CYS B 188 24.64 -1.52 18.35
N THR B 189 24.91 -2.02 17.16
CA THR B 189 26.23 -2.55 16.80
C THR B 189 26.62 -1.96 15.45
N MET B 190 27.82 -1.40 15.37
CA MET B 190 28.29 -0.76 14.16
C MET B 190 29.30 -1.65 13.45
N TYR B 191 29.19 -1.69 12.14
CA TYR B 191 30.03 -2.46 11.25
C TYR B 191 30.70 -1.54 10.24
N ILE B 192 31.90 -1.93 9.79
CA ILE B 192 32.63 -1.20 8.78
C ILE B 192 33.30 -2.19 7.86
N CYS B 193 33.43 -1.79 6.60
CA CYS B 193 34.16 -2.57 5.59
C CYS B 193 34.66 -1.61 4.51
N GLY B 194 35.46 -2.13 3.58
CA GLY B 194 35.98 -1.36 2.48
C GLY B 194 35.21 -1.60 1.19
N ILE B 195 35.14 -0.56 0.34
CA ILE B 195 34.41 -0.66 -0.92
C ILE B 195 35.24 -0.17 -2.10
N GLU B 196 34.86 -0.65 -3.25
CA GLU B 196 35.24 -0.10 -4.53
C GLU B 196 34.19 0.93 -4.94
N ASP B 197 34.65 2.09 -5.40
CA ASP B 197 33.73 3.10 -5.89
C ASP B 197 34.44 4.06 -6.84
N SER B 198 34.93 3.54 -7.96
CA SER B 198 35.72 4.38 -8.86
C SER B 198 34.84 5.36 -9.64
N GLU B 199 33.71 4.89 -10.17
CA GLU B 199 32.78 5.76 -10.88
C GLU B 199 32.48 7.03 -10.08
N TYR B 200 32.08 6.87 -8.81
CA TYR B 200 31.64 8.04 -8.05
C TYR B 200 32.81 9.00 -7.81
N LYS B 201 33.99 8.49 -7.48
CA LYS B 201 35.09 9.40 -7.17
C LYS B 201 35.58 10.11 -8.42
N ARG B 202 35.78 9.39 -9.51
CA ARG B 202 36.19 10.02 -10.75
C ARG B 202 35.18 11.04 -11.29
N ASP B 203 34.05 11.22 -10.60
CA ASP B 203 33.01 12.19 -10.98
C ASP B 203 32.74 13.24 -9.93
N LYS B 204 32.87 12.93 -8.64
CA LYS B 204 32.80 13.91 -7.58
C LYS B 204 34.16 14.47 -7.22
N ILE B 205 35.26 13.92 -7.77
CA ILE B 205 36.61 14.32 -7.41
C ILE B 205 37.39 14.85 -8.61
N ASP B 206 37.47 14.06 -9.68
CA ASP B 206 38.12 14.55 -10.89
C ASP B 206 37.40 15.78 -11.45
N PHE B 207 36.12 15.95 -11.11
CA PHE B 207 35.37 17.13 -11.53
C PHE B 207 36.15 18.42 -11.27
N TRP B 208 36.85 18.49 -10.15
CA TRP B 208 37.48 19.74 -9.75
C TRP B 208 38.72 20.05 -10.57
N ASP B 209 39.16 19.14 -11.44
CA ASP B 209 40.35 19.38 -12.24
C ASP B 209 40.09 20.41 -13.32
N ASN B 210 38.87 20.48 -13.85
CA ASN B 210 38.55 21.37 -14.96
C ASN B 210 37.13 21.89 -14.75
N VAL B 211 37.04 23.08 -14.15
CA VAL B 211 35.80 23.77 -13.84
C VAL B 211 35.75 24.98 -14.78
N TYR B 212 35.02 24.84 -15.89
CA TYR B 212 34.95 25.85 -16.96
C TYR B 212 36.33 26.37 -17.34
N GLY B 213 37.29 25.44 -17.46
CA GLY B 213 38.64 25.77 -17.86
C GLY B 213 39.62 26.01 -16.71
N PHE B 214 39.13 26.14 -15.48
CA PHE B 214 39.97 26.50 -14.36
C PHE B 214 40.30 25.28 -13.53
N ASN B 215 41.42 25.32 -12.87
CA ASN B 215 41.80 24.25 -11.98
C ASN B 215 41.30 24.55 -10.57
N PHE B 216 40.29 23.79 -10.12
CA PHE B 216 39.77 23.86 -8.76
C PHE B 216 40.29 22.73 -7.88
N SER B 217 41.44 22.14 -8.22
CA SER B 217 41.89 20.97 -7.48
C SER B 217 42.17 21.28 -6.02
N ALA B 218 42.35 22.56 -5.66
CA ALA B 218 42.53 22.93 -4.26
C ALA B 218 41.36 22.48 -3.38
N ILE B 219 40.19 22.26 -3.96
CA ILE B 219 38.99 21.93 -3.21
C ILE B 219 38.95 20.43 -2.89
N LYS B 220 39.75 19.61 -3.56
CA LYS B 220 39.52 18.16 -3.53
C LYS B 220 39.53 17.62 -2.10
N ALA B 221 40.44 18.12 -1.26
CA ALA B 221 40.50 17.66 0.13
C ALA B 221 39.22 18.02 0.88
N ASP B 222 38.72 19.24 0.71
CA ASP B 222 37.50 19.64 1.40
C ASP B 222 36.32 18.74 1.01
N ALA B 223 36.27 18.33 -0.26
CA ALA B 223 35.18 17.48 -0.72
C ALA B 223 35.20 16.10 -0.06
N LEU B 224 36.38 15.63 0.38
CA LEU B 224 36.53 14.29 0.94
C LEU B 224 36.53 14.26 2.47
N ARG B 225 36.62 15.39 3.16
CA ARG B 225 36.60 15.36 4.61
C ARG B 225 35.20 15.16 5.15
N GLU B 226 34.18 15.32 4.31
CA GLU B 226 32.81 15.19 4.76
C GLU B 226 32.32 13.78 4.46
N PRO B 227 31.98 12.99 5.47
CA PRO B 227 31.39 11.68 5.19
C PRO B 227 30.09 11.83 4.43
N LEU B 228 29.89 10.95 3.46
CA LEU B 228 28.67 10.94 2.66
C LEU B 228 27.67 9.97 3.25
N VAL B 229 26.44 10.45 3.49
CA VAL B 229 25.31 9.60 3.81
C VAL B 229 24.60 9.23 2.51
N ASP B 230 24.72 7.97 2.11
CA ASP B 230 24.23 7.52 0.82
C ASP B 230 24.16 6.00 0.84
N PHE B 231 23.43 5.44 -0.12
CA PHE B 231 23.34 4.00 -0.28
C PHE B 231 24.52 3.46 -1.08
N VAL B 232 24.96 2.27 -0.67
CA VAL B 232 26.08 1.55 -1.26
C VAL B 232 25.55 0.20 -1.71
N GLU B 233 25.96 -0.23 -2.90
CA GLU B 233 25.58 -1.56 -3.36
C GLU B 233 26.44 -2.60 -2.66
N SER B 234 25.79 -3.69 -2.21
CA SER B 234 26.54 -4.75 -1.56
C SER B 234 27.64 -5.28 -2.47
N GLN B 235 27.42 -5.25 -3.80
CA GLN B 235 28.41 -5.72 -4.75
C GLN B 235 29.72 -4.95 -4.69
N GLN B 236 29.70 -3.72 -4.17
CA GLN B 236 30.89 -2.87 -4.09
C GLN B 236 31.81 -3.23 -2.94
N ILE B 237 31.37 -4.07 -2.00
CA ILE B 237 32.17 -4.39 -0.82
C ILE B 237 33.26 -5.36 -1.23
N ILE B 238 34.49 -5.09 -0.78
CA ILE B 238 35.62 -5.88 -1.21
C ILE B 238 36.44 -6.33 0.00
N THR B 239 35.89 -6.20 1.20
CA THR B 239 36.54 -6.71 2.40
C THR B 239 35.52 -7.48 3.25
N THR B 240 36.04 -8.18 4.26
CA THR B 240 35.19 -8.66 5.33
C THR B 240 34.63 -7.48 6.11
N GLN B 241 33.60 -7.74 6.91
CA GLN B 241 32.98 -6.72 7.75
C GLN B 241 33.50 -6.82 9.17
N SER B 242 33.89 -5.69 9.73
CA SER B 242 34.37 -5.60 11.10
C SER B 242 33.28 -4.96 11.95
N LYS B 243 32.85 -5.67 12.99
CA LYS B 243 32.13 -5.06 14.11
C LYS B 243 33.10 -4.19 14.89
N PHE B 244 32.83 -2.88 14.99
CA PHE B 244 33.78 -1.99 15.63
C PHE B 244 33.20 -1.23 16.80
N LEU B 245 31.91 -1.32 17.05
CA LEU B 245 31.34 -0.63 18.19
C LEU B 245 30.06 -1.34 18.60
N GLU B 246 29.87 -1.46 19.90
CA GLU B 246 28.62 -1.93 20.47
C GLU B 246 28.20 -0.93 21.52
N ILE B 247 26.95 -0.50 21.46
CA ILE B 247 26.34 0.32 22.49
C ILE B 247 25.18 -0.46 23.10
N ASP B 248 25.20 -0.58 24.44
CA ASP B 248 24.17 -1.29 25.21
C ASP B 248 23.53 -0.28 26.16
N LEU B 249 22.28 0.09 25.88
CA LEU B 249 21.68 1.19 26.65
C LEU B 249 21.43 0.82 28.10
N ASN B 250 21.32 -0.47 28.42
CA ASN B 250 21.14 -0.88 29.80
C ASN B 250 22.32 -0.48 30.69
N THR B 251 23.54 -0.40 30.15
CA THR B 251 24.74 -0.23 30.94
C THR B 251 25.53 1.04 30.65
N ILE B 252 25.54 1.52 29.41
CA ILE B 252 26.45 2.60 29.07
C ILE B 252 26.17 3.85 29.89
N GLN B 253 27.24 4.58 30.20
CA GLN B 253 27.13 5.73 31.07
C GLN B 253 27.46 6.99 30.29
N PRO B 254 26.87 8.13 30.66
CA PRO B 254 27.08 9.34 29.85
C PRO B 254 28.53 9.69 29.65
N GLU B 255 29.39 9.47 30.64
CA GLU B 255 30.80 9.82 30.48
C GLU B 255 31.48 8.94 29.45
N ASP B 256 31.07 7.67 29.31
CA ASP B 256 31.64 6.77 28.32
C ASP B 256 31.52 7.29 26.89
N LEU B 257 30.75 8.35 26.66
CA LEU B 257 30.51 8.86 25.30
C LEU B 257 31.30 10.12 24.96
N LYS B 258 31.98 10.72 25.94
CA LYS B 258 32.74 11.94 25.64
C LYS B 258 33.63 11.71 24.43
N GLN B 259 34.45 10.66 24.49
CA GLN B 259 35.32 10.29 23.39
C GLN B 259 35.27 8.79 23.23
N ILE B 260 34.86 8.33 22.05
CA ILE B 260 34.81 6.90 21.75
C ILE B 260 36.05 6.56 20.96
N THR B 261 36.84 5.66 21.50
CA THR B 261 37.98 5.09 20.81
C THR B 261 37.69 3.62 20.65
N THR B 262 37.75 3.15 19.42
CA THR B 262 37.51 1.74 19.16
C THR B 262 38.41 1.29 18.02
N SER B 263 38.42 0.00 17.80
CA SER B 263 39.32 -0.61 16.84
C SER B 263 38.53 -1.41 15.80
N PHE B 264 39.08 -1.51 14.59
CA PHE B 264 38.48 -2.35 13.55
C PHE B 264 39.57 -3.17 12.86
N GLU B 265 39.14 -4.20 12.14
CA GLU B 265 40.07 -5.04 11.39
C GLU B 265 39.27 -5.83 10.36
N PHE B 266 39.68 -5.77 9.10
CA PHE B 266 39.05 -6.57 8.07
C PHE B 266 40.08 -6.97 7.01
N THR B 267 39.69 -7.93 6.20
CA THR B 267 40.58 -8.60 5.26
C THR B 267 40.07 -8.35 3.86
N SER B 268 40.96 -7.94 2.97
CA SER B 268 40.57 -7.75 1.59
C SER B 268 40.28 -9.10 0.94
N GLN B 269 39.22 -9.15 0.15
CA GLN B 269 38.87 -10.37 -0.56
C GLN B 269 39.25 -10.34 -2.03
N TYR B 270 39.79 -9.23 -2.53
CA TYR B 270 39.99 -9.09 -3.97
C TYR B 270 41.24 -8.28 -4.28
N GLN B 271 41.66 -8.38 -5.54
CA GLN B 271 42.72 -7.56 -6.10
C GLN B 271 42.03 -6.31 -6.64
N GLU B 272 42.04 -5.22 -5.87
CA GLU B 272 41.12 -4.13 -6.17
C GLU B 272 41.60 -2.86 -5.50
N TYR B 273 41.13 -1.72 -6.01
CA TYR B 273 41.36 -0.44 -5.35
C TYR B 273 40.21 -0.15 -4.40
N CYS B 274 40.56 0.24 -3.17
CA CYS B 274 39.58 0.61 -2.16
C CYS B 274 39.51 2.13 -2.10
N GLN B 275 38.35 2.67 -2.46
CA GLN B 275 38.12 4.11 -2.48
C GLN B 275 37.51 4.64 -1.19
N ALA B 276 36.95 3.77 -0.34
CA ALA B 276 36.19 4.25 0.79
C ALA B 276 35.96 3.12 1.79
N PHE B 277 35.77 3.50 3.04
CA PHE B 277 35.16 2.65 4.05
C PHE B 277 33.69 2.99 4.19
N VAL B 278 32.85 1.97 4.27
CA VAL B 278 31.41 2.16 4.49
C VAL B 278 31.07 1.60 5.87
N ALA B 279 30.20 2.32 6.57
CA ALA B 279 29.78 1.94 7.91
C ALA B 279 28.25 1.99 8.02
N TRP B 280 27.75 1.16 8.92
CA TRP B 280 26.32 1.11 9.20
C TRP B 280 26.16 0.55 10.61
N PHE B 281 24.91 0.48 11.06
CA PHE B 281 24.61 -0.03 12.38
C PHE B 281 23.38 -0.94 12.32
N ASP B 282 23.37 -1.92 13.21
CA ASP B 282 22.24 -2.80 13.45
C ASP B 282 21.69 -2.49 14.84
N CYS B 283 20.41 -2.72 15.01
CA CYS B 283 19.69 -2.30 16.19
C CYS B 283 18.86 -3.47 16.71
N VAL B 284 18.92 -3.73 18.02
CA VAL B 284 18.19 -4.84 18.60
C VAL B 284 17.33 -4.36 19.77
N PHE B 285 16.11 -4.87 19.83
CA PHE B 285 15.26 -4.81 21.03
C PHE B 285 15.58 -6.06 21.86
N SER B 286 16.62 -5.96 22.70
CA SER B 286 17.21 -7.20 23.22
C SER B 286 16.46 -7.74 24.44
N ARG B 287 15.80 -6.88 25.22
CA ARG B 287 15.07 -7.28 26.41
C ARG B 287 13.63 -6.85 26.28
N GLY B 288 12.72 -7.78 26.52
CA GLY B 288 11.32 -7.47 26.56
C GLY B 288 10.51 -8.27 25.58
N PRO B 289 10.90 -8.25 24.29
CA PRO B 289 10.07 -8.90 23.28
C PRO B 289 10.06 -10.40 23.43
N HIS B 290 8.88 -10.99 23.18
CA HIS B 290 8.72 -12.43 23.23
C HIS B 290 9.63 -13.12 22.22
N LYS B 291 9.70 -12.57 20.98
CA LYS B 291 10.59 -13.00 19.90
C LYS B 291 11.65 -11.93 19.67
N PRO B 292 12.83 -12.30 19.18
CA PRO B 292 13.85 -11.28 18.87
C PRO B 292 13.33 -10.30 17.82
N VAL B 293 13.57 -9.03 18.04
CA VAL B 293 13.24 -8.02 17.04
C VAL B 293 14.51 -7.22 16.77
N GLU B 294 14.84 -7.10 15.49
CA GLU B 294 16.05 -6.42 15.07
C GLU B 294 15.83 -5.82 13.69
N PHE B 295 16.71 -4.91 13.33
CA PHE B 295 16.77 -4.43 11.97
C PHE B 295 18.17 -3.89 11.76
N SER B 296 18.55 -3.84 10.49
CA SER B 296 19.86 -3.38 10.07
C SER B 296 19.69 -2.16 9.17
N THR B 297 20.70 -1.30 9.14
CA THR B 297 20.77 -0.23 8.15
C THR B 297 21.86 -0.50 7.12
N GLY B 298 22.28 -1.77 6.96
CA GLY B 298 23.39 -2.12 6.11
C GLY B 298 22.97 -2.36 4.67
N PRO B 299 23.97 -2.55 3.80
CA PRO B 299 23.70 -2.62 2.35
C PRO B 299 23.13 -3.96 1.89
N PHE B 300 23.14 -4.98 2.75
CA PHE B 300 22.69 -6.30 2.36
C PHE B 300 21.18 -6.49 2.49
N THR B 301 20.47 -5.53 3.09
CA THR B 301 19.04 -5.61 3.38
C THR B 301 18.36 -4.37 2.84
N GLU B 302 17.03 -4.35 2.91
CA GLU B 302 16.28 -3.20 2.41
C GLU B 302 16.82 -1.90 3.00
N GLY B 303 16.78 -0.84 2.19
CA GLY B 303 17.27 0.45 2.65
C GLY B 303 16.41 1.05 3.75
N THR B 304 17.03 1.93 4.52
CA THR B 304 16.37 2.73 5.55
C THR B 304 16.78 4.17 5.35
N HIS B 305 16.13 5.07 6.08
CA HIS B 305 16.40 6.50 5.92
C HIS B 305 17.80 6.88 6.41
N TRP B 306 18.42 6.04 7.25
CA TRP B 306 19.81 6.30 7.65
C TRP B 306 20.80 5.93 6.55
N LYS B 307 20.37 5.16 5.54
CA LYS B 307 21.20 4.69 4.43
C LYS B 307 22.49 4.06 5.00
N GLN B 308 23.65 4.36 4.43
CA GLN B 308 24.93 4.01 5.00
C GLN B 308 25.76 5.27 5.09
N THR B 309 26.91 5.18 5.75
CA THR B 309 27.83 6.31 5.87
C THR B 309 29.13 5.92 5.20
N VAL B 310 29.56 6.73 4.25
CA VAL B 310 30.68 6.43 3.35
C VAL B 310 31.81 7.41 3.64
N PHE B 311 32.98 6.86 3.96
CA PHE B 311 34.18 7.63 4.29
C PHE B 311 35.17 7.47 3.14
N TYR B 312 35.28 8.50 2.29
CA TYR B 312 36.17 8.41 1.14
C TYR B 312 37.62 8.56 1.59
N LEU B 313 38.51 7.80 0.97
CA LEU B 313 39.91 7.84 1.35
C LEU B 313 40.66 8.89 0.53
N GLU B 314 41.58 9.62 1.20
CA GLU B 314 42.50 10.54 0.54
C GLU B 314 43.16 9.89 -0.66
N ASN B 315 43.83 8.76 -0.43
CA ASN B 315 44.48 7.97 -1.47
C ASN B 315 43.81 6.60 -1.57
N ASP B 316 43.50 6.19 -2.80
CA ASP B 316 43.02 4.85 -3.06
C ASP B 316 43.99 3.84 -2.44
N LEU B 317 43.43 2.76 -1.89
CA LEU B 317 44.23 1.68 -1.37
C LEU B 317 44.33 0.58 -2.41
N PRO B 318 45.51 0.26 -2.89
CA PRO B 318 45.70 -0.94 -3.71
C PRO B 318 45.69 -2.18 -2.81
N LEU B 319 44.62 -2.94 -2.85
CA LEU B 319 44.43 -4.10 -2.00
C LEU B 319 44.62 -5.36 -2.83
N LYS B 320 45.31 -6.33 -2.24
CA LYS B 320 45.39 -7.67 -2.78
C LYS B 320 44.55 -8.59 -1.91
N PRO B 321 44.15 -9.73 -2.43
CA PRO B 321 43.45 -10.71 -1.58
C PRO B 321 44.28 -11.06 -0.37
N ASN B 322 43.63 -11.11 0.81
CA ASN B 322 44.22 -11.44 2.11
C ASN B 322 45.09 -10.32 2.66
N ASP B 323 45.10 -9.14 2.05
CA ASP B 323 45.60 -7.96 2.74
C ASP B 323 44.75 -7.72 4.00
N VAL B 324 45.42 -7.37 5.09
CA VAL B 324 44.77 -7.15 6.37
C VAL B 324 44.85 -5.67 6.72
N ILE B 325 43.69 -5.06 6.96
CA ILE B 325 43.60 -3.66 7.36
C ILE B 325 43.18 -3.63 8.82
N LYS B 326 43.98 -2.98 9.64
CA LYS B 326 43.76 -2.85 11.08
C LYS B 326 43.81 -1.38 11.43
N GLY B 327 42.89 -0.94 12.28
CA GLY B 327 42.88 0.47 12.63
C GLY B 327 42.10 0.81 13.88
N THR B 328 42.07 2.10 14.16
CA THR B 328 41.26 2.66 15.22
C THR B 328 40.41 3.80 14.66
N ILE B 329 39.20 3.92 15.18
CA ILE B 329 38.31 5.03 14.87
C ILE B 329 38.03 5.74 16.18
N THR B 330 38.28 7.04 16.19
CA THR B 330 38.02 7.88 17.36
C THR B 330 36.89 8.86 17.02
N ILE B 331 35.86 8.86 17.86
CA ILE B 331 34.64 9.63 17.62
C ILE B 331 34.46 10.58 18.79
N SER B 332 34.33 11.87 18.50
CA SER B 332 34.19 12.82 19.59
C SER B 332 33.38 14.03 19.14
N GLN B 333 32.68 14.64 20.10
CA GLN B 333 31.95 15.87 19.84
C GLN B 333 32.96 16.98 19.56
N ASN B 334 32.72 17.73 18.48
CA ASN B 334 33.69 18.70 18.02
C ASN B 334 33.96 19.76 19.08
N LYS B 335 35.23 20.18 19.17
CA LYS B 335 35.66 21.09 20.23
C LYS B 335 34.79 22.34 20.27
N SER B 336 34.68 23.03 19.12
CA SER B 336 33.86 24.24 19.06
C SER B 336 32.37 23.89 19.08
N ASN B 337 31.86 23.31 18.00
CA ASN B 337 30.44 23.02 17.85
C ASN B 337 30.15 21.60 18.31
N HIS B 338 29.42 21.47 19.41
CA HIS B 338 29.11 20.15 19.96
C HIS B 338 28.01 19.43 19.19
N ARG B 339 27.44 20.05 18.17
CA ARG B 339 26.50 19.42 17.25
C ARG B 339 27.18 18.92 15.98
N ASP B 340 28.51 18.82 15.99
CA ASP B 340 29.30 18.32 14.86
C ASP B 340 30.15 17.14 15.34
N LEU B 341 30.28 16.13 14.48
CA LEU B 341 30.95 14.88 14.86
C LEU B 341 32.31 14.77 14.21
N ASP B 342 33.33 14.55 15.05
CA ASP B 342 34.72 14.42 14.62
C ASP B 342 35.09 12.94 14.61
N ILE B 343 35.45 12.44 13.43
CA ILE B 343 35.77 11.03 13.23
C ILE B 343 37.21 10.94 12.73
N SER B 344 38.09 10.39 13.54
CA SER B 344 39.49 10.23 13.20
C SER B 344 39.79 8.76 12.96
N MET B 345 40.41 8.45 11.82
CA MET B 345 40.82 7.08 11.54
C MET B 345 42.34 7.01 11.42
N LYS B 346 42.90 5.95 12.00
CA LYS B 346 44.30 5.58 11.82
C LYS B 346 44.36 4.09 11.58
N TYR B 347 44.98 3.68 10.48
CA TYR B 347 45.02 2.27 10.15
C TYR B 347 46.25 1.94 9.33
N THR B 348 46.57 0.64 9.30
CA THR B 348 47.68 0.09 8.53
C THR B 348 47.21 -1.03 7.61
N VAL B 349 47.94 -1.22 6.52
CA VAL B 349 47.72 -2.32 5.60
C VAL B 349 48.89 -3.29 5.76
N ASN B 350 48.58 -4.53 6.13
CA ASN B 350 49.60 -5.54 6.37
C ASN B 350 50.72 -4.99 7.27
N GLY B 351 50.33 -4.23 8.29
CA GLY B 351 51.32 -3.75 9.22
C GLY B 351 52.25 -2.69 8.68
N GLY B 352 51.87 -2.02 7.60
CA GLY B 352 52.70 -0.97 7.04
C GLY B 352 52.68 0.31 7.86
N ALA B 353 53.05 1.40 7.19
CA ALA B 353 53.06 2.70 7.85
C ALA B 353 51.64 3.11 8.22
N VAL B 354 51.52 3.84 9.33
CA VAL B 354 50.21 4.30 9.78
C VAL B 354 49.69 5.35 8.80
N ILE B 355 48.45 5.15 8.36
CA ILE B 355 47.73 6.07 7.50
C ILE B 355 46.69 6.79 8.33
N SER B 356 46.56 8.10 8.12
CA SER B 356 45.67 8.91 8.94
C SER B 356 44.74 9.74 8.05
N GLN B 357 43.46 9.75 8.41
CA GLN B 357 42.53 10.66 7.79
C GLN B 357 41.50 11.05 8.83
N ASP B 358 41.04 12.28 8.73
CA ASP B 358 40.12 12.85 9.70
C ASP B 358 38.91 13.40 8.95
N TYR B 359 37.74 13.25 9.55
CA TYR B 359 36.49 13.61 8.93
C TYR B 359 35.68 14.46 9.91
N ILE B 360 34.77 15.27 9.37
CA ILE B 360 33.80 16.02 10.15
C ILE B 360 32.44 15.75 9.54
N MET B 361 31.50 15.29 10.37
CA MET B 361 30.11 15.20 9.94
C MET B 361 29.45 16.51 10.34
N ARG B 362 29.00 17.27 9.35
CA ARG B 362 28.39 18.57 9.58
C ARG B 362 27.19 18.75 8.67
N SAH C . -21.65 -0.61 -1.76
CA SAH C . -21.48 -1.55 -0.64
CB SAH C . -22.06 -2.94 -0.97
CG SAH C . -22.84 -3.17 -2.27
SD SAH C . -23.37 -4.91 -2.32
C SAH C . -20.02 -1.78 -0.20
O SAH C . -19.06 -1.37 -0.88
OXT SAH C . -19.75 -2.39 0.86
C5' SAH C . -25.10 -4.56 -2.76
C4' SAH C . -26.05 -4.55 -1.57
O4' SAH C . -27.37 -4.29 -2.03
C3' SAH C . -26.13 -5.86 -0.79
O3' SAH C . -25.58 -5.67 0.49
C2' SAH C . -27.62 -6.25 -0.74
O2' SAH C . -28.05 -6.60 0.53
C1' SAH C . -28.33 -5.00 -1.26
N9 SAH C . -29.54 -5.19 -2.10
C8 SAH C . -29.72 -6.02 -3.18
N7 SAH C . -30.98 -5.84 -3.66
C5 SAH C . -31.60 -4.92 -2.91
C6 SAH C . -32.89 -4.36 -2.95
N6 SAH C . -33.80 -4.71 -3.86
N1 SAH C . -33.23 -3.40 -2.02
C2 SAH C . -32.32 -3.01 -1.05
N3 SAH C . -31.06 -3.56 -1.02
C4 SAH C . -30.71 -4.49 -1.93
N SAH D . 9.69 8.72 17.18
CA SAH D . 8.96 9.73 16.42
CB SAH D . 9.83 10.96 16.17
CG SAH D . 11.34 10.74 16.15
SD SAH D . 12.29 12.16 15.50
C SAH D . 8.50 9.14 15.08
O SAH D . 8.82 7.98 14.80
OXT SAH D . 7.79 9.77 14.28
C5' SAH D . 13.01 12.71 17.08
C4' SAH D . 12.23 13.82 17.77
O4' SAH D . 12.78 14.09 19.04
C3' SAH D . 12.22 15.15 17.02
O3' SAH D . 10.88 15.41 16.64
C2' SAH D . 12.79 16.19 17.99
O2' SAH D . 12.05 17.37 18.02
C1' SAH D . 12.79 15.48 19.34
N9 SAH D . 13.92 15.73 20.26
C8 SAH D . 15.26 15.68 19.98
N7 SAH D . 15.95 15.94 21.12
C5 SAH D . 15.06 16.15 22.13
C6 SAH D . 15.24 16.45 23.48
N6 SAH D . 16.46 16.58 24.00
N1 SAH D . 14.14 16.62 24.28
C2 SAH D . 12.87 16.47 23.73
N3 SAH D . 12.70 16.18 22.39
C4 SAH D . 13.79 16.01 21.61
#